data_2C4J
#
_entry.id   2C4J
#
_cell.length_a   62.176
_cell.length_b   67.768
_cell.length_c   115.705
_cell.angle_alpha   90.00
_cell.angle_beta   99.06
_cell.angle_gamma   90.00
#
_symmetry.space_group_name_H-M   'P 1 21 1'
#
loop_
_entity.id
_entity.type
_entity.pdbx_description
1 polymer 'GLUTATHIONE S-TRANSFERASE MU 2'
2 non-polymer L-GAMMA-GLUTAMYL-S-[(2S)-2-HYDROXY-2-PHENYLETHYL]-L-CYSTEINYLGLYCINE
3 water water
#
_entity_poly.entity_id   1
_entity_poly.type   'polypeptide(L)'
_entity_poly.pdbx_seq_one_letter_code
;MPMTLGYWNIRGLAHSIRLLLEYTDSSYEEKKYTMGDAPDYDRSQWLNEKFKLGLDFPNLPYLIDGTHKITQSNAILRYI
ARKHNLCGESEKEQIREDILENQFMDSRMQLAKLCYDPDFEKLKPEYLQALPEMLKLYSQFLGKQPWFLGDKITFVDFIA
YDVLERNQVFEPSCLDAFPNLKDFISRFEGLEKISAYMKSSRFLPRPVFSKMAVWGNK
;
_entity_poly.pdbx_strand_id   A,B,C,D
#
loop_
_chem_comp.id
_chem_comp.type
_chem_comp.name
_chem_comp.formula
GSO non-polymer L-GAMMA-GLUTAMYL-S-[(2S)-2-HYDROXY-2-PHENYLETHYL]-L-CYSTEINYLGLYCINE 'C18 H25 N3 O7 S'
#
# COMPACT_ATOMS: atom_id res chain seq x y z
N PRO A 2 8.73 14.71 27.46
CA PRO A 2 8.47 13.59 26.55
C PRO A 2 8.26 12.27 27.31
N MET A 3 7.75 11.27 26.62
CA MET A 3 7.61 9.92 27.16
C MET A 3 8.97 9.29 27.41
N THR A 4 9.00 8.30 28.31
CA THR A 4 10.22 7.54 28.52
C THR A 4 10.00 6.08 28.16
N LEU A 5 10.84 5.57 27.26
CA LEU A 5 10.83 4.15 26.93
C LEU A 5 12.05 3.50 27.55
N GLY A 6 11.83 2.58 28.49
CA GLY A 6 12.93 1.89 29.13
C GLY A 6 13.10 0.48 28.60
N TYR A 7 14.31 0.12 28.23
CA TYR A 7 14.62 -1.23 27.74
C TYR A 7 16.12 -1.46 27.74
N TRP A 8 16.56 -2.71 27.62
CA TRP A 8 17.96 -3.05 27.34
C TRP A 8 18.41 -2.33 26.06
N ASN A 9 19.72 -2.12 25.94
CA ASN A 9 20.27 -1.43 24.77
C ASN A 9 20.46 -2.42 23.61
N ILE A 10 19.34 -3.03 23.21
CA ILE A 10 19.30 -4.05 22.18
C ILE A 10 18.00 -3.85 21.40
N ARG A 11 17.88 -4.54 20.27
CA ARG A 11 16.64 -4.60 19.50
C ARG A 11 15.52 -5.25 20.34
N GLY A 12 15.61 -6.57 20.54
CA GLY A 12 14.68 -7.31 21.41
C GLY A 12 13.23 -6.94 21.26
N LEU A 13 12.53 -6.82 22.40
CA LEU A 13 11.09 -6.54 22.47
C LEU A 13 10.69 -5.09 22.25
N ALA A 14 11.67 -4.21 22.09
CA ALA A 14 11.40 -2.78 21.93
C ALA A 14 11.39 -2.31 20.48
N HIS A 15 11.79 -3.17 19.54
CA HIS A 15 11.89 -2.79 18.13
C HIS A 15 10.56 -2.26 17.60
N SER A 16 9.50 -3.03 17.79
CA SER A 16 8.19 -2.63 17.27
C SER A 16 7.69 -1.34 17.94
N ILE A 17 7.99 -1.19 19.23
CA ILE A 17 7.57 -0.03 20.00
C ILE A 17 8.30 1.23 19.49
N ARG A 18 9.61 1.14 19.31
CA ARG A 18 10.38 2.28 18.79
C ARG A 18 9.84 2.68 17.42
N LEU A 19 9.62 1.69 16.56
CA LEU A 19 9.09 1.97 15.22
C LEU A 19 7.73 2.63 15.28
N LEU A 20 6.87 2.17 16.17
CA LEU A 20 5.54 2.76 16.32
C LEU A 20 5.57 4.18 16.88
N LEU A 21 6.46 4.41 17.85
CA LEU A 21 6.69 5.75 18.38
C LEU A 21 7.15 6.71 17.27
N GLU A 22 8.05 6.25 16.41
CA GLU A 22 8.53 7.07 15.29
C GLU A 22 7.42 7.33 14.26
N TYR A 23 6.65 6.30 13.92
CA TYR A 23 5.57 6.44 12.95
C TYR A 23 4.50 7.42 13.39
N THR A 24 4.24 7.46 14.69
CA THR A 24 3.21 8.32 15.25
C THR A 24 3.72 9.73 15.63
N ASP A 25 4.98 10.02 15.29
CA ASP A 25 5.61 11.31 15.62
C ASP A 25 5.62 11.58 17.13
N SER A 26 5.80 10.52 17.91
CA SER A 26 5.77 10.63 19.36
C SER A 26 7.04 11.27 19.89
N SER A 27 6.89 12.11 20.90
CA SER A 27 8.03 12.69 21.57
C SER A 27 8.43 11.78 22.72
N TYR A 28 9.62 11.21 22.62
CA TYR A 28 10.07 10.26 23.62
C TYR A 28 11.58 10.30 23.79
N GLU A 29 12.02 9.87 24.96
CA GLU A 29 13.42 9.64 25.23
C GLU A 29 13.54 8.20 25.70
N GLU A 30 14.71 7.61 25.50
CA GLU A 30 14.95 6.23 25.88
C GLU A 30 15.87 6.15 27.08
N LYS A 31 15.47 5.38 28.07
CA LYS A 31 16.36 5.00 29.16
C LYS A 31 16.91 3.63 28.79
N LYS A 32 18.21 3.58 28.52
CA LYS A 32 18.87 2.40 28.01
C LYS A 32 19.65 1.67 29.10
N TYR A 33 19.35 0.40 29.30
CA TYR A 33 20.04 -0.41 30.31
C TYR A 33 21.03 -1.33 29.64
N THR A 34 22.19 -1.51 30.27
CA THR A 34 23.21 -2.39 29.74
C THR A 34 23.56 -3.51 30.71
N MET A 35 23.51 -4.73 30.18
CA MET A 35 23.80 -5.93 30.92
C MET A 35 25.30 -6.12 31.02
N GLY A 36 25.76 -6.77 32.08
CA GLY A 36 27.15 -7.22 32.18
C GLY A 36 27.45 -8.44 31.33
N ASP A 37 28.72 -8.82 31.28
CA ASP A 37 29.21 -9.91 30.44
C ASP A 37 29.10 -11.29 31.11
N ALA A 38 29.44 -12.32 30.34
CA ALA A 38 29.43 -13.71 30.79
C ALA A 38 30.44 -13.94 31.92
N PRO A 39 30.19 -14.95 32.78
CA PRO A 39 29.04 -15.86 32.78
C PRO A 39 27.81 -15.36 33.54
N ASP A 40 27.96 -14.26 34.30
CA ASP A 40 26.90 -13.83 35.21
C ASP A 40 25.86 -12.89 34.61
N TYR A 41 26.21 -12.20 33.53
CA TYR A 41 25.28 -11.30 32.84
C TYR A 41 24.57 -10.35 33.80
N ASP A 42 25.41 -9.64 34.55
CA ASP A 42 25.02 -8.69 35.57
C ASP A 42 23.92 -7.72 35.15
N ARG A 43 22.77 -7.81 35.83
CA ARG A 43 21.62 -6.99 35.50
C ARG A 43 21.47 -5.81 36.43
N SER A 44 22.50 -5.55 37.24
CA SER A 44 22.44 -4.54 38.28
C SER A 44 21.92 -3.18 37.84
N GLN A 45 22.32 -2.70 36.65
CA GLN A 45 21.89 -1.39 36.19
C GLN A 45 20.35 -1.23 36.15
N TRP A 46 19.66 -2.32 35.84
CA TRP A 46 18.21 -2.36 35.86
C TRP A 46 17.68 -2.67 37.27
N LEU A 47 18.23 -3.72 37.89
CA LEU A 47 17.67 -4.23 39.14
C LEU A 47 17.78 -3.22 40.25
N ASN A 48 18.81 -2.38 40.17
CA ASN A 48 19.03 -1.36 41.17
C ASN A 48 18.01 -0.21 41.12
N GLU A 49 17.22 -0.12 40.04
CA GLU A 49 16.11 0.86 39.96
C GLU A 49 14.72 0.30 39.51
N LYS A 50 14.66 -1.01 39.31
CA LYS A 50 13.43 -1.72 38.91
C LYS A 50 12.19 -1.35 39.75
N PHE A 51 12.40 -1.20 41.07
CA PHE A 51 11.28 -0.95 41.97
C PHE A 51 11.14 0.51 42.37
N LYS A 52 11.82 1.39 41.66
CA LYS A 52 11.87 2.81 42.00
C LYS A 52 11.20 3.70 40.95
N LEU A 53 10.42 3.07 40.07
CA LEU A 53 9.85 3.75 38.90
C LEU A 53 8.34 3.89 38.90
N GLY A 54 7.68 3.35 39.93
CA GLY A 54 6.23 3.46 40.03
C GLY A 54 5.45 2.47 39.15
N LEU A 55 6.15 1.45 38.67
CA LEU A 55 5.52 0.45 37.81
C LEU A 55 4.75 -0.56 38.67
N ASP A 56 3.55 -0.92 38.22
CA ASP A 56 2.73 -1.89 38.96
C ASP A 56 3.31 -3.31 38.93
N PHE A 57 3.87 -3.69 37.77
CA PHE A 57 4.48 -5.00 37.58
C PHE A 57 5.81 -4.71 36.89
N PRO A 58 6.81 -4.27 37.66
CA PRO A 58 8.07 -3.81 37.07
C PRO A 58 8.66 -4.80 36.06
N ASN A 59 9.06 -4.27 34.90
CA ASN A 59 9.52 -5.12 33.79
C ASN A 59 10.18 -4.24 32.74
N LEU A 60 10.85 -4.90 31.79
CA LEU A 60 11.37 -4.25 30.59
C LEU A 60 10.75 -4.92 29.35
N PRO A 61 10.25 -4.14 28.39
CA PRO A 61 10.19 -2.67 28.33
C PRO A 61 9.12 -2.06 29.20
N TYR A 62 9.33 -0.79 29.53
CA TYR A 62 8.29 0.03 30.14
C TYR A 62 8.15 1.34 29.40
N LEU A 63 6.96 1.91 29.48
CA LEU A 63 6.69 3.22 28.90
C LEU A 63 6.07 4.10 29.98
N ILE A 64 6.69 5.27 30.18
CA ILE A 64 6.15 6.30 31.08
C ILE A 64 5.62 7.42 30.20
N ASP A 65 4.33 7.71 30.32
CA ASP A 65 3.71 8.81 29.58
C ASP A 65 2.85 9.58 30.56
N GLY A 66 3.49 10.56 31.20
CA GLY A 66 2.89 11.30 32.30
C GLY A 66 2.53 10.37 33.43
N THR A 67 1.23 10.29 33.69
CA THR A 67 0.68 9.47 34.77
C THR A 67 0.54 8.01 34.36
N HIS A 68 0.51 7.75 33.05
CA HIS A 68 0.42 6.38 32.53
C HIS A 68 1.77 5.69 32.60
N LYS A 69 1.83 4.60 33.37
CA LYS A 69 3.06 3.81 33.49
C LYS A 69 2.70 2.40 33.07
N ILE A 70 3.32 1.95 31.99
CA ILE A 70 2.86 0.74 31.31
C ILE A 70 4.01 -0.22 31.12
N THR A 71 3.78 -1.48 31.49
CA THR A 71 4.68 -2.56 31.12
C THR A 71 3.91 -3.55 30.25
N GLN A 72 4.65 -4.55 29.76
CA GLN A 72 4.18 -5.57 28.80
C GLN A 72 4.18 -4.97 27.40
N SER A 73 5.09 -5.48 26.56
CA SER A 73 5.29 -4.92 25.24
C SER A 73 3.99 -4.79 24.44
N ASN A 74 3.13 -5.80 24.46
CA ASN A 74 1.87 -5.70 23.74
C ASN A 74 0.95 -4.62 24.29
N ALA A 75 0.97 -4.44 25.62
CA ALA A 75 0.18 -3.37 26.23
C ALA A 75 0.70 -1.99 25.84
N ILE A 76 2.01 -1.85 25.75
CA ILE A 76 2.61 -0.58 25.31
C ILE A 76 2.22 -0.27 23.87
N LEU A 77 2.35 -1.28 23.01
CA LEU A 77 1.95 -1.10 21.61
C LEU A 77 0.49 -0.71 21.47
N ARG A 78 -0.40 -1.41 22.19
CA ARG A 78 -1.83 -1.10 22.10
C ARG A 78 -2.15 0.30 22.64
N TYR A 79 -1.45 0.70 23.70
CA TYR A 79 -1.64 2.03 24.27
C TYR A 79 -1.33 3.11 23.22
N ILE A 80 -0.16 3.00 22.58
CA ILE A 80 0.22 3.96 21.56
C ILE A 80 -0.75 3.90 20.36
N ALA A 81 -1.10 2.67 19.96
CA ALA A 81 -1.97 2.49 18.82
C ALA A 81 -3.35 3.13 19.03
N ARG A 82 -3.93 2.94 20.21
CA ARG A 82 -5.26 3.52 20.49
C ARG A 82 -5.24 5.04 20.41
N LYS A 83 -4.15 5.61 20.88
CA LYS A 83 -3.93 7.06 20.91
C LYS A 83 -3.95 7.64 19.49
N HIS A 84 -3.52 6.83 18.52
CA HIS A 84 -3.38 7.28 17.13
C HIS A 84 -4.28 6.56 16.12
N ASN A 85 -5.33 5.91 16.63
CA ASN A 85 -6.30 5.24 15.76
C ASN A 85 -5.62 4.20 14.86
N LEU A 86 -4.69 3.42 15.42
CA LEU A 86 -3.97 2.40 14.66
C LEU A 86 -4.35 0.97 15.07
N CYS A 87 -5.65 0.76 15.22
CA CYS A 87 -6.19 -0.53 15.64
C CYS A 87 -7.22 -1.03 14.64
N GLY A 88 -7.49 -2.33 14.69
CA GLY A 88 -8.58 -2.90 13.91
C GLY A 88 -9.90 -2.29 14.34
N GLU A 89 -10.80 -2.12 13.37
CA GLU A 89 -12.09 -1.47 13.63
C GLU A 89 -13.25 -2.47 13.60
N SER A 90 -13.34 -3.24 12.53
CA SER A 90 -14.41 -4.22 12.37
C SER A 90 -14.14 -5.46 13.22
N GLU A 91 -15.16 -6.27 13.45
CA GLU A 91 -15.00 -7.52 14.20
C GLU A 91 -13.96 -8.42 13.54
N LYS A 92 -14.03 -8.59 12.23
CA LYS A 92 -13.09 -9.47 11.54
C LYS A 92 -11.67 -8.95 11.71
N GLU A 93 -11.50 -7.63 11.63
CA GLU A 93 -10.19 -7.01 11.84
C GLU A 93 -9.68 -7.23 13.25
N GLN A 94 -10.57 -7.11 14.24
CA GLN A 94 -10.16 -7.31 15.63
C GLN A 94 -9.79 -8.76 15.91
N ILE A 95 -10.48 -9.71 15.30
CA ILE A 95 -10.13 -11.12 15.42
C ILE A 95 -8.76 -11.37 14.82
N ARG A 96 -8.52 -10.87 13.60
CA ARG A 96 -7.21 -11.01 12.96
C ARG A 96 -6.11 -10.39 13.81
N GLU A 97 -6.38 -9.21 14.36
CA GLU A 97 -5.44 -8.50 15.19
C GLU A 97 -5.04 -9.35 16.40
N ASP A 98 -6.04 -9.92 17.09
CA ASP A 98 -5.75 -10.69 18.29
C ASP A 98 -5.04 -11.99 17.96
N ILE A 99 -5.48 -12.68 16.91
CA ILE A 99 -4.81 -13.91 16.51
C ILE A 99 -3.34 -13.60 16.21
N LEU A 100 -3.10 -12.57 15.38
CA LEU A 100 -1.74 -12.26 14.97
C LEU A 100 -0.84 -11.77 16.09
N GLU A 101 -1.38 -10.95 16.98
CA GLU A 101 -0.59 -10.44 18.10
C GLU A 101 -0.01 -11.63 18.87
N ASN A 102 -0.86 -12.61 19.17
CA ASN A 102 -0.47 -13.78 19.92
C ASN A 102 0.36 -14.77 19.12
N GLN A 103 0.01 -14.96 17.84
CA GLN A 103 0.77 -15.86 16.96
C GLN A 103 2.18 -15.33 16.74
N PHE A 104 2.31 -14.02 16.45
CA PHE A 104 3.64 -13.43 16.30
C PHE A 104 4.47 -13.51 17.57
N MET A 105 3.83 -13.34 18.73
CA MET A 105 4.55 -13.56 19.99
C MET A 105 5.06 -14.99 20.13
N ASP A 106 4.26 -15.99 19.77
CA ASP A 106 4.73 -17.38 19.78
C ASP A 106 5.93 -17.56 18.86
N SER A 107 5.86 -17.01 17.64
CA SER A 107 6.98 -17.09 16.71
C SER A 107 8.23 -16.41 17.28
N ARG A 108 8.04 -15.23 17.86
CA ARG A 108 9.13 -14.49 18.46
C ARG A 108 9.82 -15.36 19.51
N MET A 109 9.02 -15.97 20.38
CA MET A 109 9.54 -16.78 21.47
C MET A 109 10.25 -18.02 20.96
N GLN A 110 9.79 -18.59 19.86
CA GLN A 110 10.44 -19.77 19.29
C GLN A 110 11.89 -19.44 18.88
N LEU A 111 12.08 -18.28 18.22
CA LEU A 111 13.41 -17.90 17.80
C LEU A 111 14.28 -17.53 19.00
N ALA A 112 13.73 -16.79 19.96
CA ALA A 112 14.48 -16.41 21.16
C ALA A 112 14.89 -17.64 21.96
N LYS A 113 13.98 -18.61 22.11
CA LYS A 113 14.28 -19.82 22.87
C LYS A 113 15.48 -20.53 22.25
N LEU A 114 15.48 -20.65 20.93
CA LEU A 114 16.59 -21.25 20.20
C LEU A 114 17.89 -20.49 20.42
N CYS A 115 17.85 -19.18 20.24
CA CYS A 115 19.08 -18.39 20.21
C CYS A 115 19.69 -18.21 21.58
N TYR A 116 18.90 -18.40 22.63
CA TYR A 116 19.40 -18.34 24.00
C TYR A 116 19.82 -19.70 24.53
N ASP A 117 19.52 -20.76 23.80
CA ASP A 117 19.82 -22.12 24.23
C ASP A 117 21.31 -22.43 24.02
N PRO A 118 22.02 -22.88 25.08
CA PRO A 118 23.41 -23.30 24.90
C PRO A 118 23.60 -24.33 23.78
N ASP A 119 22.57 -25.16 23.55
CA ASP A 119 22.59 -26.19 22.51
C ASP A 119 22.14 -25.65 21.13
N PHE A 120 22.28 -24.35 20.95
CA PHE A 120 21.89 -23.63 19.71
C PHE A 120 22.24 -24.39 18.43
N GLU A 121 23.49 -24.82 18.31
CA GLU A 121 23.97 -25.44 17.07
C GLU A 121 23.22 -26.71 16.71
N LYS A 122 22.96 -27.54 17.70
CA LYS A 122 22.27 -28.81 17.47
C LYS A 122 20.78 -28.62 17.23
N LEU A 123 20.23 -27.51 17.75
CA LEU A 123 18.80 -27.22 17.68
C LEU A 123 18.41 -26.39 16.45
N LYS A 124 19.40 -25.72 15.84
CA LYS A 124 19.14 -24.80 14.72
C LYS A 124 18.46 -25.48 13.51
N PRO A 125 18.94 -26.66 13.07
CA PRO A 125 18.28 -27.33 11.93
C PRO A 125 16.77 -27.55 12.11
N GLU A 126 16.33 -27.90 13.31
CA GLU A 126 14.91 -28.09 13.58
C GLU A 126 14.12 -26.80 13.35
N TYR A 127 14.63 -25.71 13.89
CA TYR A 127 13.97 -24.41 13.69
C TYR A 127 13.93 -24.05 12.21
N LEU A 128 15.08 -24.20 11.54
CA LEU A 128 15.15 -23.84 10.13
C LEU A 128 14.27 -24.71 9.23
N GLN A 129 14.10 -25.98 9.59
CA GLN A 129 13.25 -26.86 8.81
C GLN A 129 11.80 -26.46 8.96
N ALA A 130 11.43 -25.96 10.14
CA ALA A 130 10.05 -25.55 10.44
C ALA A 130 9.72 -24.16 9.92
N LEU A 131 10.75 -23.36 9.61
CA LEU A 131 10.57 -21.96 9.28
C LEU A 131 9.70 -21.72 8.05
N PRO A 132 9.97 -22.43 6.92
CA PRO A 132 9.10 -22.21 5.76
C PRO A 132 7.60 -22.42 6.01
N GLU A 133 7.23 -23.45 6.76
CA GLU A 133 5.82 -23.67 7.14
C GLU A 133 5.27 -22.48 7.92
N MET A 134 6.02 -22.02 8.91
CA MET A 134 5.62 -20.86 9.71
C MET A 134 5.36 -19.65 8.80
N LEU A 135 6.29 -19.37 7.91
CA LEU A 135 6.18 -18.21 7.06
C LEU A 135 5.05 -18.38 6.05
N LYS A 136 4.86 -19.61 5.54
CA LYS A 136 3.77 -19.88 4.60
C LYS A 136 2.43 -19.51 5.23
N LEU A 137 2.26 -19.85 6.50
CA LEU A 137 1.00 -19.51 7.16
C LEU A 137 0.78 -17.99 7.24
N TYR A 138 1.83 -17.23 7.55
CA TYR A 138 1.71 -15.77 7.55
C TYR A 138 1.44 -15.20 6.14
N SER A 139 2.13 -15.77 5.15
CA SER A 139 1.92 -15.36 3.76
C SER A 139 0.49 -15.63 3.30
N GLN A 140 -0.03 -16.82 3.60
CA GLN A 140 -1.42 -17.12 3.24
C GLN A 140 -2.38 -16.14 3.92
N PHE A 141 -2.12 -15.82 5.17
CA PHE A 141 -3.02 -14.94 5.91
C PHE A 141 -3.00 -13.51 5.35
N LEU A 142 -1.83 -13.02 4.97
CA LEU A 142 -1.71 -11.67 4.38
C LEU A 142 -2.42 -11.56 3.05
N GLY A 143 -2.25 -12.59 2.23
CA GLY A 143 -2.83 -12.58 0.88
C GLY A 143 -2.33 -11.39 0.08
N LYS A 144 -3.27 -10.75 -0.62
CA LYS A 144 -2.98 -9.64 -1.52
C LYS A 144 -3.09 -8.27 -0.85
N GLN A 145 -3.41 -8.26 0.44
CA GLN A 145 -3.62 -7.01 1.19
C GLN A 145 -2.28 -6.30 1.42
N PRO A 146 -2.28 -4.96 1.43
CA PRO A 146 -1.03 -4.28 1.77
C PRO A 146 -0.58 -4.44 3.22
N TRP A 147 -1.54 -4.61 4.13
CA TRP A 147 -1.26 -4.66 5.56
C TRP A 147 -2.03 -5.82 6.17
N PHE A 148 -1.65 -6.23 7.37
CA PHE A 148 -2.23 -7.46 7.89
C PHE A 148 -3.73 -7.40 8.20
N LEU A 149 -4.24 -6.21 8.47
CA LEU A 149 -5.68 -6.05 8.68
C LEU A 149 -6.44 -5.52 7.47
N GLY A 150 -5.74 -5.35 6.34
CA GLY A 150 -6.38 -4.92 5.09
C GLY A 150 -5.71 -3.68 4.53
N ASP A 151 -6.51 -2.65 4.27
CA ASP A 151 -5.99 -1.45 3.59
C ASP A 151 -5.40 -0.40 4.52
N LYS A 152 -5.60 -0.59 5.82
CA LYS A 152 -5.16 0.35 6.85
C LYS A 152 -4.00 -0.26 7.64
N ILE A 153 -2.90 0.48 7.77
CA ILE A 153 -1.81 0.01 8.63
C ILE A 153 -2.24 0.14 10.10
N THR A 154 -1.86 -0.85 10.91
CA THR A 154 -2.26 -0.92 12.32
C THR A 154 -1.08 -1.47 13.13
N PHE A 155 -1.22 -1.53 14.45
CA PHE A 155 -0.07 -1.89 15.27
C PHE A 155 0.48 -3.27 15.01
N VAL A 156 -0.39 -4.19 14.60
CA VAL A 156 0.07 -5.55 14.37
C VAL A 156 1.07 -5.63 13.19
N ASP A 157 1.02 -4.66 12.27
CA ASP A 157 2.02 -4.59 11.21
C ASP A 157 3.41 -4.31 11.74
N PHE A 158 3.49 -3.60 12.86
CA PHE A 158 4.77 -3.28 13.50
C PHE A 158 5.38 -4.51 14.16
N ILE A 159 4.51 -5.32 14.77
CA ILE A 159 4.89 -6.64 15.29
C ILE A 159 5.33 -7.54 14.13
N ALA A 160 4.51 -7.60 13.08
CA ALA A 160 4.80 -8.47 11.92
C ALA A 160 6.14 -8.12 11.29
N TYR A 161 6.36 -6.84 11.06
CA TYR A 161 7.63 -6.41 10.47
C TYR A 161 8.80 -6.91 11.30
N ASP A 162 8.74 -6.69 12.61
CA ASP A 162 9.85 -7.08 13.48
C ASP A 162 10.13 -8.58 13.39
N VAL A 163 9.08 -9.39 13.57
CA VAL A 163 9.26 -10.83 13.59
C VAL A 163 9.72 -11.37 12.22
N LEU A 164 9.10 -10.89 11.14
CA LEU A 164 9.47 -11.35 9.80
C LEU A 164 10.90 -10.93 9.44
N GLU A 165 11.22 -9.66 9.69
CA GLU A 165 12.54 -9.12 9.32
C GLU A 165 13.64 -9.77 10.17
N ARG A 166 13.37 -10.04 11.45
CA ARG A 166 14.36 -10.69 12.29
C ARG A 166 14.66 -12.09 11.78
N ASN A 167 13.63 -12.80 11.30
CA ASN A 167 13.87 -14.09 10.68
C ASN A 167 14.73 -13.96 9.43
N GLN A 168 14.56 -12.87 8.67
CA GLN A 168 15.42 -12.62 7.53
C GLN A 168 16.86 -12.34 7.94
N VAL A 169 17.07 -11.73 9.10
CA VAL A 169 18.45 -11.58 9.62
C VAL A 169 19.04 -12.96 9.90
N PHE A 170 18.25 -13.81 10.55
CA PHE A 170 18.67 -15.15 10.92
C PHE A 170 18.92 -16.05 9.72
N GLU A 171 18.02 -15.99 8.73
CA GLU A 171 18.04 -16.85 7.55
C GLU A 171 17.75 -15.92 6.37
N PRO A 172 18.80 -15.32 5.78
CA PRO A 172 18.60 -14.28 4.77
C PRO A 172 17.62 -14.55 3.63
N SER A 173 17.47 -15.81 3.23
CA SER A 173 16.60 -16.16 2.12
C SER A 173 15.17 -16.55 2.47
N CYS A 174 14.81 -16.50 3.77
CA CYS A 174 13.57 -17.12 4.21
C CYS A 174 12.30 -16.48 3.69
N LEU A 175 12.34 -15.20 3.30
CA LEU A 175 11.14 -14.53 2.76
C LEU A 175 11.06 -14.61 1.24
N ASP A 176 12.13 -15.07 0.59
CA ASP A 176 12.20 -15.04 -0.87
C ASP A 176 11.10 -15.85 -1.56
N ALA A 177 10.71 -16.95 -0.94
CA ALA A 177 9.66 -17.82 -1.48
C ALA A 177 8.27 -17.21 -1.35
N PHE A 178 8.16 -16.10 -0.61
CA PHE A 178 6.86 -15.51 -0.28
C PHE A 178 6.83 -14.06 -0.71
N PRO A 179 6.55 -13.83 -2.02
CA PRO A 179 6.64 -12.47 -2.52
C PRO A 179 5.84 -11.46 -1.73
N ASN A 180 4.64 -11.82 -1.27
CA ASN A 180 3.87 -10.85 -0.47
C ASN A 180 4.54 -10.44 0.85
N LEU A 181 5.26 -11.36 1.49
CA LEU A 181 6.00 -11.02 2.71
C LEU A 181 7.19 -10.13 2.39
N LYS A 182 7.91 -10.45 1.31
CA LYS A 182 9.01 -9.59 0.81
C LYS A 182 8.52 -8.19 0.55
N ASP A 183 7.39 -8.10 -0.16
CA ASP A 183 6.81 -6.83 -0.55
C ASP A 183 6.29 -6.07 0.69
N PHE A 184 5.79 -6.81 1.68
CA PHE A 184 5.37 -6.21 2.94
C PHE A 184 6.53 -5.54 3.67
N ILE A 185 7.66 -6.24 3.77
CA ILE A 185 8.88 -5.68 4.36
C ILE A 185 9.28 -4.37 3.69
N SER A 186 9.29 -4.40 2.36
CA SER A 186 9.68 -3.23 1.59
C SER A 186 8.69 -2.09 1.79
N ARG A 187 7.41 -2.42 1.83
CA ARG A 187 6.34 -1.43 1.99
C ARG A 187 6.45 -0.75 3.35
N PHE A 188 6.67 -1.55 4.39
CA PHE A 188 6.83 -1.02 5.73
C PHE A 188 8.05 -0.10 5.82
N GLU A 189 9.18 -0.59 5.33
CA GLU A 189 10.45 0.17 5.35
C GLU A 189 10.39 1.43 4.52
N GLY A 190 9.51 1.43 3.52
CA GLY A 190 9.35 2.58 2.61
C GLY A 190 8.44 3.68 3.10
N LEU A 191 7.67 3.47 4.17
CA LEU A 191 6.87 4.54 4.76
C LEU A 191 7.79 5.69 5.14
N GLU A 192 7.37 6.92 4.83
CA GLU A 192 8.21 8.12 5.04
C GLU A 192 8.86 8.16 6.43
N LYS A 193 8.05 8.03 7.48
CA LYS A 193 8.53 8.15 8.86
C LYS A 193 9.42 6.99 9.28
N ILE A 194 9.13 5.80 8.77
CA ILE A 194 9.95 4.62 9.04
C ILE A 194 11.30 4.74 8.34
N SER A 195 11.27 5.11 7.06
CA SER A 195 12.46 5.30 6.25
C SER A 195 13.41 6.35 6.88
N ALA A 196 12.85 7.49 7.26
CA ALA A 196 13.63 8.57 7.91
C ALA A 196 14.29 8.08 9.19
N TYR A 197 13.55 7.29 9.97
CA TYR A 197 14.08 6.74 11.21
C TYR A 197 15.19 5.74 10.95
N MET A 198 14.94 4.83 10.01
CA MET A 198 15.90 3.77 9.72
C MET A 198 17.19 4.30 9.15
N LYS A 199 17.10 5.38 8.39
CA LYS A 199 18.29 6.00 7.81
C LYS A 199 19.05 6.88 8.81
N SER A 200 18.42 7.14 9.96
CA SER A 200 19.05 7.95 11.00
C SER A 200 19.89 7.11 11.96
N SER A 201 20.73 7.79 12.75
CA SER A 201 21.59 7.14 13.71
C SER A 201 20.84 6.54 14.89
N ARG A 202 19.58 6.94 15.07
CA ARG A 202 18.74 6.51 16.21
C ARG A 202 18.20 5.09 16.03
N PHE A 203 18.19 4.60 14.79
CA PHE A 203 17.72 3.25 14.49
C PHE A 203 18.67 2.22 15.10
N LEU A 204 18.12 1.23 15.80
CA LEU A 204 18.91 0.23 16.51
C LEU A 204 18.54 -1.20 16.08
N PRO A 205 19.08 -1.62 14.93
CA PRO A 205 18.75 -2.96 14.43
C PRO A 205 19.56 -4.07 15.11
N ARG A 206 20.66 -3.70 15.77
CA ARG A 206 21.59 -4.65 16.39
C ARG A 206 22.08 -4.11 17.73
N PRO A 207 22.41 -5.00 18.69
CA PRO A 207 22.29 -6.46 18.66
C PRO A 207 20.83 -6.90 18.67
N VAL A 208 20.55 -8.04 18.05
CA VAL A 208 19.17 -8.54 18.02
C VAL A 208 18.70 -8.97 19.42
N PHE A 209 19.56 -9.71 20.12
CA PHE A 209 19.25 -10.25 21.43
C PHE A 209 20.26 -9.74 22.46
N SER A 210 20.09 -10.14 23.71
CA SER A 210 20.99 -9.70 24.79
C SER A 210 22.31 -10.47 24.78
N LYS A 211 23.19 -10.12 25.73
CA LYS A 211 24.52 -10.71 25.79
C LYS A 211 24.52 -12.22 26.05
N MET A 212 23.42 -12.71 26.63
CA MET A 212 23.26 -14.12 26.98
C MET A 212 23.06 -15.02 25.76
N ALA A 213 22.65 -14.43 24.64
CA ALA A 213 22.33 -15.21 23.44
C ALA A 213 23.57 -15.83 22.78
N VAL A 214 23.41 -17.02 22.23
CA VAL A 214 24.46 -17.67 21.45
C VAL A 214 24.51 -17.06 20.04
N TRP A 215 23.35 -16.69 19.51
CA TRP A 215 23.28 -15.97 18.25
C TRP A 215 22.61 -14.62 18.47
N GLY A 216 23.15 -13.59 17.85
CA GLY A 216 22.55 -12.25 17.88
C GLY A 216 22.92 -11.43 19.10
N ASN A 217 23.99 -11.80 19.78
CA ASN A 217 24.43 -11.08 20.97
C ASN A 217 25.24 -9.82 20.63
N LYS A 218 25.63 -9.70 19.37
CA LYS A 218 26.31 -8.52 18.85
C LYS A 218 25.69 -8.08 17.53
N PRO B 2 -22.32 -24.13 14.17
CA PRO B 2 -22.23 -24.43 15.58
C PRO B 2 -21.14 -23.60 16.27
N MET B 3 -21.03 -23.79 17.58
CA MET B 3 -19.95 -23.20 18.38
C MET B 3 -19.22 -24.36 19.05
N THR B 4 -17.95 -24.53 18.71
CA THR B 4 -17.16 -25.69 19.11
C THR B 4 -15.84 -25.24 19.69
N LEU B 5 -15.56 -25.66 20.93
CA LEU B 5 -14.25 -25.43 21.53
C LEU B 5 -13.43 -26.72 21.43
N GLY B 6 -12.29 -26.64 20.74
CA GLY B 6 -11.39 -27.79 20.62
C GLY B 6 -10.18 -27.61 21.52
N TYR B 7 -9.87 -28.65 22.31
CA TYR B 7 -8.70 -28.63 23.18
C TYR B 7 -8.41 -30.04 23.65
N TRP B 8 -7.23 -30.22 24.23
CA TRP B 8 -6.93 -31.46 24.95
C TRP B 8 -7.92 -31.68 26.11
N ASN B 9 -8.06 -32.95 26.52
CA ASN B 9 -8.96 -33.32 27.59
C ASN B 9 -8.32 -33.05 28.98
N ILE B 10 -7.85 -31.82 29.15
CA ILE B 10 -7.22 -31.35 30.37
C ILE B 10 -7.70 -29.93 30.64
N ARG B 11 -7.37 -29.40 31.81
CA ARG B 11 -7.64 -28.00 32.15
C ARG B 11 -6.86 -27.04 31.27
N GLY B 12 -5.54 -27.00 31.46
CA GLY B 12 -4.66 -26.24 30.58
C GLY B 12 -5.11 -24.83 30.20
N LEU B 13 -4.95 -24.49 28.93
CA LEU B 13 -5.26 -23.15 28.38
C LEU B 13 -6.72 -22.94 28.08
N ALA B 14 -7.53 -23.96 28.28
CA ALA B 14 -8.97 -23.88 27.96
C ALA B 14 -9.82 -23.54 29.17
N HIS B 15 -9.25 -23.52 30.37
CA HIS B 15 -10.06 -23.32 31.58
C HIS B 15 -10.80 -21.99 31.56
N SER B 16 -10.08 -20.91 31.29
CA SER B 16 -10.69 -19.57 31.29
C SER B 16 -11.75 -19.47 30.21
N ILE B 17 -11.50 -20.10 29.06
CA ILE B 17 -12.45 -20.09 27.94
C ILE B 17 -13.72 -20.85 28.30
N ARG B 18 -13.59 -22.05 28.83
CA ARG B 18 -14.77 -22.82 29.29
C ARG B 18 -15.59 -22.04 30.29
N LEU B 19 -14.92 -21.43 31.26
CA LEU B 19 -15.63 -20.66 32.28
C LEU B 19 -16.37 -19.48 31.66
N LEU B 20 -15.75 -18.82 30.69
CA LEU B 20 -16.36 -17.65 30.05
C LEU B 20 -17.54 -18.07 29.17
N LEU B 21 -17.40 -19.18 28.46
CA LEU B 21 -18.51 -19.73 27.67
C LEU B 21 -19.71 -20.05 28.59
N GLU B 22 -19.43 -20.59 29.77
CA GLU B 22 -20.51 -20.89 30.73
C GLU B 22 -21.13 -19.62 31.28
N TYR B 23 -20.32 -18.65 31.66
CA TYR B 23 -20.82 -17.40 32.22
C TYR B 23 -21.73 -16.65 31.24
N THR B 24 -21.37 -16.69 29.96
CA THR B 24 -22.10 -15.98 28.92
C THR B 24 -23.30 -16.80 28.42
N ASP B 25 -23.57 -17.95 29.03
CA ASP B 25 -24.66 -18.84 28.61
C ASP B 25 -24.53 -19.24 27.15
N SER B 26 -23.30 -19.41 26.69
CA SER B 26 -23.08 -19.77 25.29
C SER B 26 -23.62 -21.17 24.99
N SER B 27 -24.11 -21.36 23.77
CA SER B 27 -24.51 -22.68 23.32
C SER B 27 -23.32 -23.26 22.59
N TYR B 28 -22.61 -24.18 23.24
CA TYR B 28 -21.35 -24.69 22.71
C TYR B 28 -21.21 -26.17 23.00
N GLU B 29 -20.37 -26.81 22.19
CA GLU B 29 -19.98 -28.18 22.44
C GLU B 29 -18.47 -28.20 22.45
N GLU B 30 -17.90 -29.26 23.01
CA GLU B 30 -16.44 -29.40 23.04
C GLU B 30 -15.98 -30.58 22.23
N LYS B 31 -14.90 -30.36 21.49
CA LYS B 31 -14.17 -31.44 20.85
C LYS B 31 -12.93 -31.67 21.69
N LYS B 32 -12.93 -32.78 22.42
CA LYS B 32 -11.85 -33.12 23.34
C LYS B 32 -10.92 -34.11 22.68
N TYR B 33 -9.64 -33.75 22.64
CA TYR B 33 -8.60 -34.62 22.12
C TYR B 33 -7.87 -35.26 23.31
N THR B 34 -7.62 -36.55 23.24
CA THR B 34 -6.96 -37.25 24.33
C THR B 34 -5.58 -37.68 23.87
N MET B 35 -4.56 -37.19 24.57
CA MET B 35 -3.19 -37.62 24.33
C MET B 35 -3.00 -39.06 24.83
N GLY B 36 -2.25 -39.85 24.09
CA GLY B 36 -1.96 -41.21 24.54
C GLY B 36 -1.04 -41.26 25.75
N ASP B 37 -0.96 -42.43 26.35
CA ASP B 37 -0.12 -42.67 27.53
C ASP B 37 1.36 -42.70 27.16
N ALA B 38 2.20 -42.58 28.18
CA ALA B 38 3.62 -42.84 28.04
C ALA B 38 3.81 -44.28 27.55
N PRO B 39 4.92 -44.54 26.84
CA PRO B 39 5.99 -43.61 26.49
C PRO B 39 5.77 -42.74 25.25
N ASP B 40 4.84 -43.11 24.39
CA ASP B 40 4.71 -42.44 23.09
C ASP B 40 3.97 -41.11 23.18
N TYR B 41 3.08 -40.98 24.16
CA TYR B 41 2.26 -39.76 24.32
C TYR B 41 1.64 -39.37 22.98
N ASP B 42 0.97 -40.35 22.37
CA ASP B 42 0.47 -40.21 21.00
C ASP B 42 -0.50 -39.03 20.86
N ARG B 43 -0.24 -38.19 19.87
CA ARG B 43 -1.06 -37.01 19.63
C ARG B 43 -1.96 -37.16 18.39
N SER B 44 -2.08 -38.38 17.88
CA SER B 44 -2.76 -38.63 16.60
C SER B 44 -4.21 -38.16 16.56
N GLN B 45 -4.92 -38.18 17.69
CA GLN B 45 -6.33 -37.74 17.68
C GLN B 45 -6.43 -36.31 17.19
N TRP B 46 -5.44 -35.50 17.58
CA TRP B 46 -5.33 -34.11 17.11
C TRP B 46 -4.64 -34.02 15.76
N LEU B 47 -3.48 -34.64 15.62
CA LEU B 47 -2.69 -34.47 14.40
C LEU B 47 -3.40 -34.96 13.13
N ASN B 48 -4.29 -35.93 13.29
CA ASN B 48 -5.06 -36.47 12.15
C ASN B 48 -6.09 -35.49 11.61
N GLU B 49 -6.41 -34.45 12.36
CA GLU B 49 -7.30 -33.40 11.82
C GLU B 49 -6.79 -31.96 11.97
N LYS B 50 -5.62 -31.77 12.58
CA LYS B 50 -5.03 -30.44 12.76
C LYS B 50 -5.13 -29.55 11.52
N PHE B 51 -4.90 -30.14 10.36
CA PHE B 51 -4.84 -29.40 9.10
C PHE B 51 -6.13 -29.51 8.28
N LYS B 52 -7.17 -30.06 8.89
CA LYS B 52 -8.42 -30.36 8.20
C LYS B 52 -9.62 -29.58 8.71
N LEU B 53 -9.36 -28.54 9.52
CA LEU B 53 -10.42 -27.81 10.20
C LEU B 53 -10.60 -26.38 9.68
N GLY B 54 -9.81 -26.00 8.68
CA GLY B 54 -9.86 -24.64 8.12
C GLY B 54 -9.23 -23.54 8.97
N LEU B 55 -8.45 -23.93 9.98
CA LEU B 55 -7.79 -22.96 10.84
C LEU B 55 -6.66 -22.28 10.09
N ASP B 56 -6.54 -20.97 10.23
CA ASP B 56 -5.44 -20.24 9.59
C ASP B 56 -4.07 -20.58 10.16
N PHE B 57 -4.01 -20.73 11.48
CA PHE B 57 -2.79 -21.11 12.18
C PHE B 57 -3.15 -22.26 13.12
N PRO B 58 -3.24 -23.49 12.58
CA PRO B 58 -3.76 -24.61 13.36
C PRO B 58 -3.12 -24.73 14.74
N ASN B 59 -3.94 -24.86 15.78
CA ASN B 59 -3.47 -24.87 17.15
C ASN B 59 -4.60 -25.31 18.07
N LEU B 60 -4.23 -25.59 19.32
CA LEU B 60 -5.19 -25.85 20.38
C LEU B 60 -4.89 -24.89 21.52
N PRO B 61 -5.91 -24.24 22.09
CA PRO B 61 -7.31 -24.37 21.75
C PRO B 61 -7.73 -23.67 20.47
N TYR B 62 -8.85 -24.12 19.92
CA TYR B 62 -9.51 -23.40 18.82
C TYR B 62 -10.98 -23.22 19.17
N LEU B 63 -11.56 -22.17 18.63
CA LEU B 63 -13.01 -21.96 18.72
C LEU B 63 -13.55 -21.81 17.32
N ILE B 64 -14.54 -22.61 16.99
CA ILE B 64 -15.33 -22.41 15.78
C ILE B 64 -16.64 -21.80 16.21
N ASP B 65 -17.00 -20.66 15.63
CA ASP B 65 -18.30 -20.06 15.92
C ASP B 65 -18.92 -19.67 14.59
N GLY B 66 -19.81 -20.52 14.09
CA GLY B 66 -20.35 -20.34 12.74
C GLY B 66 -19.19 -20.46 11.77
N THR B 67 -18.94 -19.41 11.00
CA THR B 67 -17.84 -19.39 10.04
C THR B 67 -16.54 -18.87 10.64
N HIS B 68 -16.58 -18.28 11.83
CA HIS B 68 -15.35 -17.78 12.49
C HIS B 68 -14.56 -18.98 13.00
N LYS B 69 -13.28 -18.99 12.68
CA LYS B 69 -12.37 -20.03 13.15
C LYS B 69 -11.23 -19.30 13.83
N ILE B 70 -11.09 -19.51 15.13
CA ILE B 70 -10.17 -18.69 15.92
C ILE B 70 -9.22 -19.60 16.71
N THR B 71 -7.94 -19.27 16.67
CA THR B 71 -6.96 -19.88 17.56
C THR B 71 -6.34 -18.78 18.41
N GLN B 72 -5.44 -19.20 19.30
CA GLN B 72 -4.82 -18.36 20.31
C GLN B 72 -5.80 -18.08 21.45
N SER B 73 -5.49 -18.64 22.62
CA SER B 73 -6.41 -18.57 23.75
C SER B 73 -6.82 -17.14 24.08
N ASN B 74 -5.90 -16.18 24.02
CA ASN B 74 -6.29 -14.78 24.31
C ASN B 74 -7.22 -14.22 23.24
N ALA B 75 -7.04 -14.63 22.00
CA ALA B 75 -7.90 -14.16 20.90
C ALA B 75 -9.30 -14.73 21.08
N ILE B 76 -9.38 -15.98 21.50
CA ILE B 76 -10.66 -16.63 21.75
C ILE B 76 -11.40 -15.92 22.89
N LEU B 77 -10.70 -15.63 23.99
CA LEU B 77 -11.30 -14.93 25.10
C LEU B 77 -11.78 -13.54 24.69
N ARG B 78 -10.97 -12.79 23.96
CA ARG B 78 -11.39 -11.45 23.54
C ARG B 78 -12.58 -11.51 22.60
N TYR B 79 -12.62 -12.54 21.76
CA TYR B 79 -13.72 -12.69 20.82
C TYR B 79 -15.04 -12.87 21.57
N ILE B 80 -15.04 -13.81 22.51
CA ILE B 80 -16.23 -14.05 23.29
C ILE B 80 -16.60 -12.82 24.12
N ALA B 81 -15.59 -12.17 24.71
CA ALA B 81 -15.82 -10.99 25.54
C ALA B 81 -16.48 -9.86 24.75
N ARG B 82 -16.02 -9.59 23.54
CA ARG B 82 -16.62 -8.52 22.71
C ARG B 82 -18.06 -8.84 22.37
N LYS B 83 -18.31 -10.11 22.07
CA LYS B 83 -19.64 -10.63 21.72
C LYS B 83 -20.64 -10.38 22.87
N HIS B 84 -20.15 -10.38 24.11
CA HIS B 84 -21.00 -10.23 25.28
C HIS B 84 -20.74 -9.01 26.13
N ASN B 85 -20.04 -8.02 25.56
CA ASN B 85 -19.76 -6.75 26.24
C ASN B 85 -19.03 -6.95 27.59
N LEU B 86 -18.03 -7.82 27.58
CA LEU B 86 -17.23 -8.13 28.79
C LEU B 86 -15.77 -7.67 28.64
N CYS B 87 -15.59 -6.47 28.10
CA CYS B 87 -14.27 -5.87 27.94
C CYS B 87 -14.18 -4.56 28.68
N GLY B 88 -12.94 -4.10 28.90
CA GLY B 88 -12.68 -2.78 29.45
C GLY B 88 -13.32 -1.73 28.56
N GLU B 89 -13.92 -0.73 29.18
CA GLU B 89 -14.60 0.32 28.44
C GLU B 89 -13.74 1.59 28.30
N SER B 90 -13.27 2.11 29.44
CA SER B 90 -12.46 3.33 29.45
C SER B 90 -11.02 3.03 29.04
N GLU B 91 -10.31 4.07 28.60
CA GLU B 91 -8.89 3.96 28.32
C GLU B 91 -8.12 3.35 29.51
N LYS B 92 -8.32 3.88 30.72
CA LYS B 92 -7.65 3.33 31.89
C LYS B 92 -7.95 1.84 32.10
N GLU B 93 -9.19 1.43 31.85
CA GLU B 93 -9.56 0.01 31.94
C GLU B 93 -8.88 -0.82 30.87
N GLN B 94 -8.82 -0.31 29.65
CA GLN B 94 -8.14 -1.03 28.56
C GLN B 94 -6.65 -1.21 28.81
N ILE B 95 -6.01 -0.22 29.42
CA ILE B 95 -4.62 -0.34 29.78
C ILE B 95 -4.45 -1.46 30.82
N ARG B 96 -5.30 -1.45 31.86
CA ARG B 96 -5.22 -2.48 32.89
C ARG B 96 -5.46 -3.85 32.27
N GLU B 97 -6.43 -3.95 31.36
CA GLU B 97 -6.77 -5.18 30.68
C GLU B 97 -5.57 -5.73 29.92
N ASP B 98 -4.91 -4.88 29.15
CA ASP B 98 -3.78 -5.32 28.34
C ASP B 98 -2.59 -5.69 29.20
N ILE B 99 -2.32 -4.91 30.24
CA ILE B 99 -1.22 -5.26 31.12
C ILE B 99 -1.47 -6.63 31.75
N LEU B 100 -2.66 -6.80 32.31
CA LEU B 100 -3.00 -8.07 33.00
C LEU B 100 -3.09 -9.28 32.09
N GLU B 101 -3.66 -9.13 30.91
CA GLU B 101 -3.72 -10.26 29.99
C GLU B 101 -2.30 -10.79 29.77
N ASN B 102 -1.36 -9.90 29.53
CA ASN B 102 0.00 -10.33 29.23
C ASN B 102 0.77 -10.76 30.47
N GLN B 103 0.56 -10.04 31.58
CA GLN B 103 1.18 -10.42 32.85
C GLN B 103 0.73 -11.80 33.34
N PHE B 104 -0.57 -12.05 33.32
CA PHE B 104 -1.06 -13.37 33.71
C PHE B 104 -0.53 -14.46 32.79
N MET B 105 -0.37 -14.18 31.50
CA MET B 105 0.22 -15.17 30.61
C MET B 105 1.66 -15.47 31.03
N ASP B 106 2.42 -14.45 31.39
CA ASP B 106 3.77 -14.69 31.88
C ASP B 106 3.76 -15.56 33.14
N SER B 107 2.86 -15.26 34.07
CA SER B 107 2.75 -16.07 35.29
C SER B 107 2.37 -17.53 34.97
N ARG B 108 1.38 -17.70 34.09
CA ARG B 108 0.96 -19.02 33.64
C ARG B 108 2.14 -19.82 33.09
N MET B 109 2.92 -19.19 32.23
CA MET B 109 4.07 -19.85 31.60
C MET B 109 5.16 -20.17 32.59
N GLN B 110 5.34 -19.35 33.63
CA GLN B 110 6.32 -19.66 34.68
C GLN B 110 5.95 -20.95 35.37
N LEU B 111 4.68 -21.11 35.76
CA LEU B 111 4.26 -22.34 36.41
C LEU B 111 4.34 -23.55 35.45
N ALA B 112 3.88 -23.39 34.22
CA ALA B 112 3.94 -24.48 33.25
C ALA B 112 5.39 -24.90 32.99
N LYS B 113 6.31 -23.93 32.86
CA LYS B 113 7.72 -24.27 32.61
C LYS B 113 8.23 -25.13 33.75
N LEU B 114 7.94 -24.74 34.99
CA LEU B 114 8.36 -25.52 36.15
C LEU B 114 7.81 -26.92 36.11
N CYS B 115 6.49 -27.02 35.89
CA CYS B 115 5.78 -28.29 36.01
C CYS B 115 6.11 -29.29 34.92
N TYR B 116 6.73 -28.85 33.84
CA TYR B 116 7.18 -29.78 32.79
C TYR B 116 8.69 -30.05 32.88
N ASP B 117 9.39 -29.36 33.77
CA ASP B 117 10.85 -29.44 33.82
C ASP B 117 11.29 -30.74 34.49
N PRO B 118 12.20 -31.49 33.85
CA PRO B 118 12.68 -32.72 34.51
C PRO B 118 13.22 -32.44 35.92
N ASP B 119 13.80 -31.26 36.13
CA ASP B 119 14.33 -30.83 37.42
C ASP B 119 13.33 -30.17 38.36
N PHE B 120 12.05 -30.45 38.13
CA PHE B 120 10.94 -29.96 38.94
C PHE B 120 11.24 -29.94 40.44
N GLU B 121 11.71 -31.07 40.98
CA GLU B 121 11.92 -31.16 42.43
C GLU B 121 12.95 -30.13 42.91
N LYS B 122 14.03 -29.96 42.16
CA LYS B 122 15.08 -28.99 42.51
C LYS B 122 14.65 -27.54 42.29
N LEU B 123 13.75 -27.34 41.32
CA LEU B 123 13.36 -25.99 40.90
C LEU B 123 12.14 -25.46 41.64
N LYS B 124 11.36 -26.35 42.23
CA LYS B 124 10.13 -25.97 42.93
C LYS B 124 10.35 -24.97 44.08
N PRO B 125 11.35 -25.20 44.95
CA PRO B 125 11.60 -24.23 46.03
C PRO B 125 11.80 -22.77 45.57
N GLU B 126 12.53 -22.57 44.48
CA GLU B 126 12.72 -21.23 43.91
C GLU B 126 11.38 -20.61 43.50
N TYR B 127 10.53 -21.40 42.84
CA TYR B 127 9.21 -20.91 42.46
C TYR B 127 8.41 -20.53 43.70
N LEU B 128 8.40 -21.40 44.71
CA LEU B 128 7.68 -21.12 45.95
C LEU B 128 8.20 -19.92 46.71
N GLN B 129 9.51 -19.72 46.68
CA GLN B 129 10.09 -18.55 47.36
C GLN B 129 9.59 -17.26 46.71
N ALA B 130 9.43 -17.27 45.39
CA ALA B 130 9.06 -16.08 44.63
C ALA B 130 7.54 -15.89 44.56
N LEU B 131 6.78 -16.91 44.93
CA LEU B 131 5.32 -16.88 44.77
C LEU B 131 4.62 -15.77 45.57
N PRO B 132 4.96 -15.59 46.87
CA PRO B 132 4.28 -14.51 47.60
C PRO B 132 4.50 -13.13 46.97
N GLU B 133 5.69 -12.85 46.46
CA GLU B 133 5.92 -11.57 45.79
C GLU B 133 5.05 -11.40 44.53
N MET B 134 4.95 -12.47 43.73
CA MET B 134 4.11 -12.47 42.54
C MET B 134 2.66 -12.14 42.92
N LEU B 135 2.17 -12.86 43.92
CA LEU B 135 0.79 -12.68 44.36
C LEU B 135 0.56 -11.29 44.96
N LYS B 136 1.54 -10.80 45.70
CA LYS B 136 1.45 -9.45 46.27
C LYS B 136 1.19 -8.40 45.19
N LEU B 137 1.88 -8.51 44.05
CA LEU B 137 1.69 -7.55 42.98
C LEU B 137 0.27 -7.61 42.42
N TYR B 138 -0.28 -8.82 42.25
CA TYR B 138 -1.66 -8.93 41.80
C TYR B 138 -2.61 -8.36 42.86
N SER B 139 -2.32 -8.66 44.13
CA SER B 139 -3.16 -8.15 45.23
C SER B 139 -3.19 -6.62 45.24
N GLN B 140 -2.02 -6.00 45.10
CA GLN B 140 -1.94 -4.54 45.08
C GLN B 140 -2.73 -3.97 43.93
N PHE B 141 -2.63 -4.61 42.76
CA PHE B 141 -3.30 -4.10 41.57
C PHE B 141 -4.80 -4.20 41.70
N LEU B 142 -5.31 -5.30 42.25
CA LEU B 142 -6.76 -5.48 42.45
C LEU B 142 -7.29 -4.44 43.44
N GLY B 143 -6.55 -4.23 44.53
CA GLY B 143 -6.94 -3.24 45.54
C GLY B 143 -8.31 -3.56 46.12
N LYS B 144 -9.14 -2.53 46.23
CA LYS B 144 -10.46 -2.64 46.88
C LYS B 144 -11.59 -3.02 45.91
N GLN B 145 -11.25 -3.13 44.63
CA GLN B 145 -12.25 -3.40 43.60
C GLN B 145 -12.72 -4.85 43.62
N PRO B 146 -14.00 -5.11 43.27
CA PRO B 146 -14.46 -6.50 43.20
C PRO B 146 -13.85 -7.27 42.04
N TRP B 147 -13.56 -6.58 40.95
CA TRP B 147 -12.99 -7.21 39.74
C TRP B 147 -11.78 -6.43 39.28
N PHE B 148 -10.96 -7.05 38.43
CA PHE B 148 -9.70 -6.43 38.07
C PHE B 148 -9.80 -5.11 37.29
N LEU B 149 -10.91 -4.91 36.59
CA LEU B 149 -11.13 -3.63 35.90
C LEU B 149 -12.07 -2.68 36.64
N GLY B 150 -12.43 -3.02 37.86
CA GLY B 150 -13.29 -2.16 38.69
C GLY B 150 -14.57 -2.87 39.09
N ASP B 151 -15.70 -2.18 38.92
CA ASP B 151 -16.99 -2.71 39.39
C ASP B 151 -17.64 -3.75 38.49
N LYS B 152 -17.16 -3.85 37.25
CA LYS B 152 -17.73 -4.76 36.24
C LYS B 152 -16.78 -5.92 35.96
N ILE B 153 -17.31 -7.14 35.99
CA ILE B 153 -16.52 -8.32 35.63
C ILE B 153 -16.23 -8.29 34.12
N THR B 154 -15.01 -8.65 33.75
CA THR B 154 -14.62 -8.67 32.34
C THR B 154 -13.75 -9.92 32.08
N PHE B 155 -13.35 -10.15 30.83
CA PHE B 155 -12.67 -11.41 30.51
C PHE B 155 -11.37 -11.61 31.28
N VAL B 156 -10.68 -10.54 31.62
CA VAL B 156 -9.41 -10.73 32.31
C VAL B 156 -9.62 -11.34 33.71
N ASP B 157 -10.80 -11.18 34.28
CA ASP B 157 -11.10 -11.86 35.55
C ASP B 157 -11.14 -13.38 35.42
N PHE B 158 -11.47 -13.86 34.23
CA PHE B 158 -11.49 -15.31 33.94
C PHE B 158 -10.07 -15.86 33.81
N ILE B 159 -9.18 -15.05 33.21
CA ILE B 159 -7.75 -15.35 33.21
C ILE B 159 -7.21 -15.33 34.65
N ALA B 160 -7.53 -14.26 35.39
CA ALA B 160 -7.04 -14.10 36.77
C ALA B 160 -7.45 -15.28 37.64
N TYR B 161 -8.73 -15.65 37.56
CA TYR B 161 -9.23 -16.77 38.34
C TYR B 161 -8.42 -18.04 38.03
N ASP B 162 -8.21 -18.32 36.75
CA ASP B 162 -7.54 -19.57 36.40
C ASP B 162 -6.11 -19.58 36.97
N VAL B 163 -5.38 -18.48 36.77
CA VAL B 163 -3.98 -18.44 37.18
C VAL B 163 -3.85 -18.44 38.70
N LEU B 164 -4.69 -17.64 39.37
CA LEU B 164 -4.61 -17.59 40.83
C LEU B 164 -5.05 -18.93 41.44
N GLU B 165 -6.14 -19.52 40.93
CA GLU B 165 -6.67 -20.74 41.53
C GLU B 165 -5.73 -21.92 41.26
N ARG B 166 -5.09 -21.95 40.09
CA ARG B 166 -4.11 -23.00 39.80
C ARG B 166 -2.93 -22.94 40.78
N ASN B 167 -2.54 -21.73 41.16
CA ASN B 167 -1.49 -21.60 42.17
C ASN B 167 -1.94 -22.11 43.52
N GLN B 168 -3.21 -21.92 43.84
CA GLN B 168 -3.78 -22.57 45.04
C GLN B 168 -3.78 -24.10 44.95
N VAL B 169 -4.03 -24.67 43.79
CA VAL B 169 -3.93 -26.12 43.65
C VAL B 169 -2.48 -26.53 43.93
N PHE B 170 -1.54 -25.75 43.42
CA PHE B 170 -0.12 -26.05 43.54
C PHE B 170 0.37 -25.89 44.98
N GLU B 171 -0.05 -24.83 45.64
CA GLU B 171 0.37 -24.48 47.00
C GLU B 171 -0.89 -23.98 47.73
N PRO B 172 -1.63 -24.90 48.39
CA PRO B 172 -2.93 -24.61 48.98
C PRO B 172 -3.05 -23.33 49.81
N SER B 173 -2.00 -22.95 50.52
CA SER B 173 -2.11 -21.79 51.41
C SER B 173 -1.71 -20.45 50.77
N CYS B 174 -1.38 -20.46 49.49
CA CYS B 174 -0.67 -19.31 48.92
C CYS B 174 -1.47 -18.00 48.89
N LEU B 175 -2.79 -18.09 48.86
CA LEU B 175 -3.61 -16.86 48.83
C LEU B 175 -3.98 -16.35 50.22
N ASP B 176 -3.68 -17.13 51.25
CA ASP B 176 -4.19 -16.84 52.60
C ASP B 176 -3.73 -15.49 53.13
N ALA B 177 -2.52 -15.08 52.77
CA ALA B 177 -1.98 -13.77 53.18
C ALA B 177 -2.55 -12.57 52.42
N PHE B 178 -3.43 -12.83 51.46
CA PHE B 178 -3.95 -11.79 50.57
C PHE B 178 -5.47 -11.80 50.56
N PRO B 179 -6.07 -11.15 51.57
CA PRO B 179 -7.52 -11.18 51.70
C PRO B 179 -8.29 -10.88 50.41
N ASN B 180 -7.86 -9.88 49.65
CA ASN B 180 -8.61 -9.51 48.45
C ASN B 180 -8.56 -10.60 47.38
N LEU B 181 -7.44 -11.31 47.29
CA LEU B 181 -7.36 -12.43 46.33
C LEU B 181 -8.20 -13.62 46.77
N LYS B 182 -8.17 -13.94 48.05
CA LYS B 182 -9.08 -14.94 48.63
C LYS B 182 -10.54 -14.60 48.32
N ASP B 183 -10.92 -13.35 48.54
CA ASP B 183 -12.30 -12.93 48.33
C ASP B 183 -12.66 -12.93 46.84
N PHE B 184 -11.67 -12.64 45.99
CA PHE B 184 -11.87 -12.68 44.55
C PHE B 184 -12.19 -14.11 44.09
N ILE B 185 -11.41 -15.08 44.56
CA ILE B 185 -11.70 -16.48 44.23
C ILE B 185 -13.10 -16.88 44.66
N SER B 186 -13.47 -16.48 45.87
CA SER B 186 -14.78 -16.84 46.39
C SER B 186 -15.89 -16.15 45.62
N ARG B 187 -15.72 -14.87 45.30
CA ARG B 187 -16.70 -14.13 44.53
C ARG B 187 -16.91 -14.75 43.13
N PHE B 188 -15.81 -15.12 42.46
CA PHE B 188 -15.90 -15.73 41.14
C PHE B 188 -16.63 -17.07 41.19
N GLU B 189 -16.25 -17.93 42.13
CA GLU B 189 -16.85 -19.24 42.26
C GLU B 189 -18.31 -19.16 42.72
N GLY B 190 -18.67 -18.04 43.33
CA GLY B 190 -20.05 -17.77 43.77
C GLY B 190 -20.98 -17.26 42.69
N LEU B 191 -20.45 -16.85 41.53
CA LEU B 191 -21.31 -16.38 40.43
C LEU B 191 -22.26 -17.51 40.02
N GLU B 192 -23.53 -17.16 39.80
CA GLU B 192 -24.55 -18.18 39.50
C GLU B 192 -24.16 -19.21 38.42
N LYS B 193 -23.70 -18.72 37.27
CA LYS B 193 -23.38 -19.63 36.18
C LYS B 193 -22.10 -20.42 36.46
N ILE B 194 -21.19 -19.83 37.23
CA ILE B 194 -19.95 -20.51 37.57
C ILE B 194 -20.21 -21.65 38.55
N SER B 195 -20.99 -21.38 39.60
CA SER B 195 -21.30 -22.46 40.56
C SER B 195 -22.16 -23.55 39.92
N ALA B 196 -23.06 -23.17 39.02
CA ALA B 196 -23.83 -24.16 38.27
C ALA B 196 -22.91 -25.06 37.44
N TYR B 197 -21.91 -24.45 36.80
CA TYR B 197 -20.96 -25.20 35.99
C TYR B 197 -20.14 -26.14 36.85
N MET B 198 -19.68 -25.64 37.99
CA MET B 198 -18.78 -26.41 38.84
C MET B 198 -19.42 -27.61 39.53
N LYS B 199 -20.75 -27.63 39.61
CA LYS B 199 -21.44 -28.80 40.16
C LYS B 199 -21.84 -29.80 39.08
N SER B 200 -21.46 -29.51 37.84
CA SER B 200 -21.83 -30.33 36.69
C SER B 200 -20.69 -31.20 36.21
N SER B 201 -21.03 -32.17 35.38
CA SER B 201 -20.06 -33.10 34.83
C SER B 201 -19.20 -32.47 33.74
N ARG B 202 -19.54 -31.25 33.33
CA ARG B 202 -18.75 -30.53 32.31
C ARG B 202 -17.50 -29.90 32.90
N PHE B 203 -17.49 -29.70 34.21
CA PHE B 203 -16.37 -29.04 34.89
C PHE B 203 -15.15 -29.96 34.85
N LEU B 204 -14.02 -29.40 34.41
CA LEU B 204 -12.79 -30.17 34.22
C LEU B 204 -11.60 -29.49 34.91
N PRO B 205 -11.55 -29.54 36.26
CA PRO B 205 -10.49 -28.85 37.00
C PRO B 205 -9.14 -29.57 36.94
N ARG B 206 -9.16 -30.86 36.61
CA ARG B 206 -7.98 -31.75 36.61
C ARG B 206 -8.11 -32.69 35.42
N PRO B 207 -6.97 -33.15 34.86
CA PRO B 207 -5.60 -32.77 35.20
C PRO B 207 -5.30 -31.35 34.81
N VAL B 208 -4.43 -30.70 35.55
CA VAL B 208 -4.07 -29.33 35.27
C VAL B 208 -3.31 -29.21 33.95
N PHE B 209 -2.35 -30.13 33.74
CA PHE B 209 -1.47 -30.13 32.57
C PHE B 209 -1.59 -31.45 31.81
N SER B 210 -0.77 -31.63 30.77
CA SER B 210 -0.87 -32.81 29.91
C SER B 210 -0.18 -34.01 30.55
N LYS B 211 -0.32 -35.17 29.90
CA LYS B 211 0.27 -36.40 30.41
C LYS B 211 1.78 -36.34 30.55
N MET B 212 2.43 -35.44 29.82
CA MET B 212 3.89 -35.31 29.87
C MET B 212 4.41 -34.49 31.05
N ALA B 213 3.53 -33.80 31.77
CA ALA B 213 3.97 -32.95 32.86
C ALA B 213 4.50 -33.76 34.02
N VAL B 214 5.44 -33.16 34.75
CA VAL B 214 5.98 -33.74 35.97
C VAL B 214 5.00 -33.57 37.14
N TRP B 215 4.37 -32.40 37.21
CA TRP B 215 3.32 -32.14 38.19
C TRP B 215 2.06 -31.77 37.43
N GLY B 216 0.92 -32.27 37.90
CA GLY B 216 -0.37 -31.89 37.33
C GLY B 216 -0.76 -32.71 36.13
N ASN B 217 -0.13 -33.87 35.97
CA ASN B 217 -0.41 -34.77 34.86
C ASN B 217 -1.63 -35.65 35.06
N LYS B 218 -2.11 -35.73 36.30
CA LYS B 218 -3.33 -36.46 36.66
C LYS B 218 -4.28 -35.59 37.48
N PRO C 2 -0.60 24.46 -51.61
CA PRO C 2 -0.21 24.54 -50.22
C PRO C 2 -0.95 23.54 -49.33
N MET C 3 -0.38 23.26 -48.17
CA MET C 3 -1.07 22.47 -47.14
C MET C 3 -2.17 23.34 -46.53
N THR C 4 -3.19 22.71 -45.98
CA THR C 4 -4.25 23.47 -45.32
C THR C 4 -4.26 23.17 -43.84
N LEU C 5 -4.11 24.20 -43.02
CA LEU C 5 -4.24 24.09 -41.58
C LEU C 5 -5.63 24.59 -41.18
N GLY C 6 -6.45 23.70 -40.63
CA GLY C 6 -7.77 24.09 -40.15
C GLY C 6 -7.80 24.24 -38.65
N TYR C 7 -8.35 25.35 -38.16
CA TYR C 7 -8.53 25.54 -36.72
C TYR C 7 -9.50 26.68 -36.44
N TRP C 8 -9.95 26.80 -35.20
CA TRP C 8 -10.70 27.97 -34.74
C TRP C 8 -9.84 29.22 -34.95
N ASN C 9 -10.49 30.37 -35.05
CA ASN C 9 -9.80 31.64 -35.22
C ASN C 9 -9.23 32.15 -33.89
N ILE C 10 -8.43 31.30 -33.24
CA ILE C 10 -7.83 31.57 -31.94
C ILE C 10 -6.41 31.01 -31.91
N ARG C 11 -5.66 31.34 -30.85
CA ARG C 11 -4.33 30.79 -30.62
C ARG C 11 -4.43 29.28 -30.34
N GLY C 12 -4.95 28.94 -29.16
CA GLY C 12 -5.24 27.55 -28.78
C GLY C 12 -4.17 26.56 -29.16
N LEU C 13 -4.61 25.43 -29.73
CA LEU C 13 -3.73 24.31 -30.06
C LEU C 13 -2.97 24.44 -31.38
N ALA C 14 -3.25 25.48 -32.15
CA ALA C 14 -2.60 25.68 -33.44
C ALA C 14 -1.35 26.55 -33.39
N HIS C 15 -1.11 27.20 -32.25
CA HIS C 15 0.01 28.16 -32.14
C HIS C 15 1.36 27.52 -32.51
N SER C 16 1.69 26.40 -31.87
CA SER C 16 2.95 25.72 -32.15
C SER C 16 3.04 25.26 -33.60
N ILE C 17 1.92 24.83 -34.16
CA ILE C 17 1.89 24.37 -35.52
C ILE C 17 2.15 25.52 -36.50
N ARG C 18 1.48 26.64 -36.29
CA ARG C 18 1.66 27.83 -37.14
C ARG C 18 3.12 28.24 -37.12
N LEU C 19 3.71 28.29 -35.93
CA LEU C 19 5.12 28.68 -35.79
C LEU C 19 6.06 27.73 -36.52
N LEU C 20 5.80 26.42 -36.41
CA LEU C 20 6.63 25.42 -37.07
C LEU C 20 6.50 25.45 -38.59
N LEU C 21 5.29 25.69 -39.09
CA LEU C 21 5.06 25.87 -40.52
C LEU C 21 5.87 27.04 -41.07
N GLU C 22 5.90 28.12 -40.31
CA GLU C 22 6.65 29.33 -40.67
C GLU C 22 8.16 29.09 -40.63
N TYR C 23 8.63 28.45 -39.56
CA TYR C 23 10.05 28.15 -39.39
C TYR C 23 10.61 27.29 -40.52
N THR C 24 9.80 26.33 -40.97
CA THR C 24 10.20 25.39 -42.01
C THR C 24 9.96 25.93 -43.42
N ASP C 25 9.49 27.17 -43.52
CA ASP C 25 9.15 27.81 -44.81
C ASP C 25 8.17 26.96 -45.63
N SER C 26 7.18 26.41 -44.94
CA SER C 26 6.17 25.57 -45.57
C SER C 26 5.21 26.43 -46.40
N SER C 27 4.78 25.88 -47.52
CA SER C 27 3.72 26.50 -48.31
C SER C 27 2.39 26.05 -47.72
N TYR C 28 1.69 26.97 -47.07
CA TYR C 28 0.42 26.63 -46.41
C TYR C 28 -0.62 27.74 -46.44
N GLU C 29 -1.88 27.33 -46.36
CA GLU C 29 -3.01 28.21 -46.16
C GLU C 29 -3.75 27.82 -44.89
N GLU C 30 -4.54 28.73 -44.34
CA GLU C 30 -5.33 28.45 -43.16
C GLU C 30 -6.81 28.55 -43.41
N LYS C 31 -7.54 27.55 -42.91
CA LYS C 31 -8.99 27.58 -42.89
C LYS C 31 -9.40 27.90 -41.46
N LYS C 32 -9.95 29.09 -41.25
CA LYS C 32 -10.29 29.55 -39.92
C LYS C 32 -11.79 29.51 -39.68
N TYR C 33 -12.17 28.82 -38.61
CA TYR C 33 -13.56 28.69 -38.24
C TYR C 33 -13.84 29.62 -37.06
N THR C 34 -15.01 30.26 -37.07
CA THR C 34 -15.41 31.12 -35.95
C THR C 34 -16.64 30.56 -35.25
N MET C 35 -16.53 30.50 -33.93
CA MET C 35 -17.58 30.00 -33.05
C MET C 35 -18.52 31.15 -32.69
N GLY C 36 -19.79 30.82 -32.40
CA GLY C 36 -20.76 31.81 -31.93
C GLY C 36 -20.61 32.08 -30.44
N ASP C 37 -21.39 33.04 -29.94
CA ASP C 37 -21.37 33.41 -28.53
C ASP C 37 -22.38 32.60 -27.71
N ALA C 38 -22.39 32.80 -26.40
CA ALA C 38 -23.36 32.18 -25.50
C ALA C 38 -24.81 32.50 -25.92
N PRO C 39 -25.77 31.61 -25.59
CA PRO C 39 -25.60 30.36 -24.84
C PRO C 39 -25.29 29.11 -25.68
N ASP C 40 -25.60 29.14 -26.97
CA ASP C 40 -25.47 27.94 -27.82
C ASP C 40 -24.08 27.73 -28.44
N TYR C 41 -23.25 28.78 -28.40
CA TYR C 41 -21.86 28.74 -28.91
C TYR C 41 -21.76 28.05 -30.27
N ASP C 42 -22.58 28.51 -31.21
CA ASP C 42 -22.78 27.82 -32.48
C ASP C 42 -21.47 27.44 -33.18
N ARG C 43 -21.36 26.16 -33.53
CA ARG C 43 -20.15 25.63 -34.16
C ARG C 43 -20.38 25.23 -35.62
N SER C 44 -21.45 25.77 -36.22
CA SER C 44 -21.88 25.33 -37.56
C SER C 44 -20.85 25.55 -38.67
N GLN C 45 -20.02 26.57 -38.57
CA GLN C 45 -18.98 26.81 -39.58
C GLN C 45 -18.10 25.57 -39.72
N TRP C 46 -17.79 24.97 -38.56
CA TRP C 46 -17.00 23.74 -38.51
C TRP C 46 -17.84 22.49 -38.78
N LEU C 47 -18.97 22.36 -38.10
CA LEU C 47 -19.80 21.18 -38.24
C LEU C 47 -20.29 20.93 -39.67
N ASN C 48 -20.49 22.00 -40.43
CA ASN C 48 -20.87 21.87 -41.83
C ASN C 48 -19.82 21.19 -42.69
N GLU C 49 -18.56 21.21 -42.24
CA GLU C 49 -17.43 20.69 -43.00
C GLU C 49 -16.79 19.45 -42.35
N LYS C 50 -17.13 19.22 -41.08
CA LYS C 50 -16.42 18.25 -40.22
C LYS C 50 -16.18 16.86 -40.83
N PHE C 51 -17.20 16.31 -41.47
CA PHE C 51 -17.16 14.94 -42.01
C PHE C 51 -16.95 14.90 -43.52
N LYS C 52 -16.56 16.04 -44.09
CA LYS C 52 -16.43 16.21 -45.53
C LYS C 52 -14.98 16.44 -45.96
N LEU C 53 -14.04 16.18 -45.06
CA LEU C 53 -12.63 16.51 -45.28
C LEU C 53 -11.70 15.29 -45.41
N GLY C 54 -12.27 14.09 -45.36
CA GLY C 54 -11.49 12.85 -45.42
C GLY C 54 -10.74 12.50 -44.15
N LEU C 55 -11.07 13.16 -43.04
CA LEU C 55 -10.38 12.91 -41.76
C LEU C 55 -10.91 11.64 -41.12
N ASP C 56 -10.00 10.81 -40.63
CA ASP C 56 -10.41 9.57 -39.97
C ASP C 56 -11.10 9.84 -38.63
N PHE C 57 -10.58 10.79 -37.86
CA PHE C 57 -11.13 11.16 -36.55
C PHE C 57 -11.28 12.68 -36.61
N PRO C 58 -12.35 13.16 -37.27
CA PRO C 58 -12.45 14.59 -37.52
C PRO C 58 -12.26 15.42 -36.25
N ASN C 59 -11.47 16.48 -36.37
CA ASN C 59 -11.06 17.25 -35.21
C ASN C 59 -10.40 18.53 -35.66
N LEU C 60 -10.22 19.45 -34.70
CA LEU C 60 -9.50 20.69 -34.90
C LEU C 60 -8.39 20.75 -33.86
N PRO C 61 -7.14 21.04 -34.28
CA PRO C 61 -6.72 21.36 -35.63
C PRO C 61 -6.63 20.16 -36.56
N TYR C 62 -6.69 20.41 -37.87
CA TYR C 62 -6.33 19.40 -38.86
C TYR C 62 -5.31 19.96 -39.82
N LEU C 63 -4.56 19.07 -40.47
CA LEU C 63 -3.65 19.45 -41.56
C LEU C 63 -3.91 18.54 -42.74
N ILE C 64 -4.18 19.16 -43.89
CA ILE C 64 -4.32 18.43 -45.13
C ILE C 64 -3.08 18.67 -45.96
N ASP C 65 -2.39 17.59 -46.31
CA ASP C 65 -1.27 17.66 -47.24
C ASP C 65 -1.45 16.57 -48.28
N GLY C 66 -2.22 16.90 -49.32
CA GLY C 66 -2.57 15.93 -50.35
C GLY C 66 -3.30 14.75 -49.75
N THR C 67 -2.77 13.55 -49.96
CA THR C 67 -3.36 12.33 -49.47
C THR C 67 -3.39 12.23 -47.93
N HIS C 68 -2.50 12.99 -47.28
CA HIS C 68 -2.40 12.96 -45.81
C HIS C 68 -3.42 13.90 -45.19
N LYS C 69 -4.34 13.32 -44.43
CA LYS C 69 -5.38 14.06 -43.72
C LYS C 69 -5.11 13.79 -42.25
N ILE C 70 -4.58 14.79 -41.57
CA ILE C 70 -4.05 14.60 -40.21
C ILE C 70 -4.82 15.39 -39.17
N THR C 71 -5.15 14.74 -38.06
CA THR C 71 -5.62 15.44 -36.87
C THR C 71 -4.70 15.11 -35.70
N GLN C 72 -5.02 15.69 -34.55
CA GLN C 72 -4.21 15.62 -33.33
C GLN C 72 -2.98 16.53 -33.43
N SER C 73 -2.99 17.60 -32.64
CA SER C 73 -1.94 18.59 -32.71
C SER C 73 -0.54 17.98 -32.67
N ASN C 74 -0.31 17.01 -31.79
CA ASN C 74 1.03 16.40 -31.73
C ASN C 74 1.40 15.64 -32.98
N ALA C 75 0.42 14.98 -33.62
CA ALA C 75 0.67 14.22 -34.84
C ALA C 75 0.99 15.18 -35.99
N ILE C 76 0.31 16.32 -36.02
CA ILE C 76 0.56 17.37 -37.03
C ILE C 76 1.99 17.91 -36.86
N LEU C 77 2.36 18.26 -35.64
CA LEU C 77 3.73 18.73 -35.35
C LEU C 77 4.76 17.69 -35.76
N ARG C 78 4.54 16.42 -35.37
CA ARG C 78 5.50 15.38 -35.72
C ARG C 78 5.67 15.19 -37.22
N TYR C 79 4.55 15.25 -37.95
CA TYR C 79 4.57 15.13 -39.40
C TYR C 79 5.41 16.22 -40.05
N ILE C 80 5.17 17.46 -39.67
CA ILE C 80 5.94 18.59 -40.21
C ILE C 80 7.41 18.47 -39.81
N ALA C 81 7.66 18.10 -38.55
CA ALA C 81 9.02 17.92 -38.04
C ALA C 81 9.81 16.88 -38.82
N ARG C 82 9.19 15.71 -39.09
CA ARG C 82 9.86 14.63 -39.84
C ARG C 82 10.20 15.08 -41.26
N LYS C 83 9.32 15.89 -41.83
CA LYS C 83 9.53 16.48 -43.17
C LYS C 83 10.83 17.28 -43.25
N HIS C 84 11.17 17.93 -42.15
CA HIS C 84 12.26 18.91 -42.15
C HIS C 84 13.37 18.56 -41.18
N ASN C 85 13.46 17.29 -40.81
CA ASN C 85 14.52 16.79 -39.94
C ASN C 85 14.62 17.60 -38.64
N LEU C 86 13.47 17.83 -38.00
CA LEU C 86 13.41 18.58 -36.75
C LEU C 86 12.98 17.70 -35.57
N CYS C 87 13.59 16.52 -35.51
CA CYS C 87 13.31 15.52 -34.48
C CYS C 87 14.59 15.13 -33.75
N GLY C 88 14.45 14.63 -32.52
CA GLY C 88 15.57 14.03 -31.81
C GLY C 88 16.15 12.91 -32.63
N GLU C 89 17.47 12.72 -32.55
CA GLU C 89 18.15 11.71 -33.38
C GLU C 89 18.66 10.53 -32.56
N SER C 90 19.41 10.82 -31.49
CA SER C 90 19.95 9.77 -30.64
C SER C 90 18.82 9.16 -29.82
N GLU C 91 19.06 7.97 -29.26
CA GLU C 91 18.08 7.37 -28.35
C GLU C 91 17.73 8.29 -27.18
N LYS C 92 18.73 8.89 -26.55
CA LYS C 92 18.49 9.77 -25.41
C LYS C 92 17.63 10.97 -25.82
N GLU C 93 17.93 11.54 -26.98
CA GLU C 93 17.13 12.66 -27.52
C GLU C 93 15.67 12.25 -27.77
N GLN C 94 15.49 11.05 -28.34
CA GLN C 94 14.14 10.54 -28.65
C GLN C 94 13.34 10.30 -27.37
N ILE C 95 13.99 9.75 -26.35
CA ILE C 95 13.33 9.55 -25.06
C ILE C 95 12.91 10.90 -24.49
N ARG C 96 13.83 11.86 -24.49
CA ARG C 96 13.57 13.18 -23.96
C ARG C 96 12.47 13.91 -24.73
N GLU C 97 12.48 13.72 -26.06
CA GLU C 97 11.45 14.28 -26.94
C GLU C 97 10.07 13.78 -26.50
N ASP C 98 9.97 12.47 -26.30
CA ASP C 98 8.70 11.85 -25.93
C ASP C 98 8.25 12.30 -24.53
N ILE C 99 9.19 12.35 -23.58
CA ILE C 99 8.87 12.81 -22.24
C ILE C 99 8.31 14.24 -22.28
N LEU C 100 9.05 15.12 -22.97
CA LEU C 100 8.68 16.52 -23.01
C LEU C 100 7.38 16.78 -23.75
N GLU C 101 7.16 16.09 -24.87
CA GLU C 101 5.94 16.23 -25.65
C GLU C 101 4.73 15.97 -24.73
N ASN C 102 4.81 14.89 -23.96
CA ASN C 102 3.71 14.52 -23.07
C ASN C 102 3.65 15.37 -21.80
N GLN C 103 4.81 15.71 -21.25
CA GLN C 103 4.87 16.59 -20.08
C GLN C 103 4.28 17.98 -20.37
N PHE C 104 4.71 18.61 -21.46
CA PHE C 104 4.15 19.88 -21.88
C PHE C 104 2.65 19.81 -22.16
N MET C 105 2.17 18.69 -22.72
CA MET C 105 0.73 18.55 -22.89
C MET C 105 -0.01 18.53 -21.56
N ASP C 106 0.57 17.86 -20.56
CA ASP C 106 0.00 17.85 -19.21
C ASP C 106 -0.09 19.28 -18.67
N SER C 107 1.00 20.04 -18.79
CA SER C 107 1.05 21.45 -18.36
C SER C 107 0.01 22.29 -19.10
N ARG C 108 -0.06 22.09 -20.41
CA ARG C 108 -1.02 22.80 -21.24
C ARG C 108 -2.45 22.55 -20.77
N MET C 109 -2.78 21.29 -20.50
CA MET C 109 -4.14 20.92 -20.09
C MET C 109 -4.51 21.42 -18.71
N GLN C 110 -3.50 21.55 -17.84
CA GLN C 110 -3.72 22.10 -16.50
C GLN C 110 -4.19 23.56 -16.61
N LEU C 111 -3.53 24.33 -17.48
CA LEU C 111 -3.92 25.73 -17.69
C LEU C 111 -5.28 25.82 -18.40
N ALA C 112 -5.46 25.04 -19.46
CA ALA C 112 -6.73 24.98 -20.18
C ALA C 112 -7.89 24.63 -19.26
N LYS C 113 -7.73 23.57 -18.45
CA LYS C 113 -8.77 23.15 -17.51
C LYS C 113 -9.19 24.29 -16.55
N LEU C 114 -8.20 25.00 -16.01
CA LEU C 114 -8.46 26.14 -15.15
C LEU C 114 -9.24 27.24 -15.88
N CYS C 115 -8.75 27.61 -17.07
CA CYS C 115 -9.32 28.75 -17.80
C CYS C 115 -10.70 28.50 -18.42
N TYR C 116 -11.10 27.24 -18.55
CA TYR C 116 -12.44 26.89 -19.03
C TYR C 116 -13.44 26.62 -17.91
N ASP C 117 -12.94 26.59 -16.67
CA ASP C 117 -13.76 26.27 -15.50
C ASP C 117 -14.55 27.49 -15.03
N PRO C 118 -15.89 27.34 -14.85
CA PRO C 118 -16.71 28.44 -14.32
C PRO C 118 -16.19 29.01 -12.99
N ASP C 119 -15.55 28.16 -12.20
CA ASP C 119 -14.97 28.55 -10.92
C ASP C 119 -13.53 29.05 -11.04
N PHE C 120 -13.19 29.58 -12.22
CA PHE C 120 -11.84 30.10 -12.50
C PHE C 120 -11.25 30.91 -11.36
N GLU C 121 -11.98 31.91 -10.87
CA GLU C 121 -11.46 32.82 -9.83
C GLU C 121 -11.17 32.07 -8.52
N LYS C 122 -12.01 31.09 -8.20
CA LYS C 122 -11.83 30.28 -7.01
C LYS C 122 -10.63 29.34 -7.14
N LEU C 123 -10.40 28.85 -8.36
CA LEU C 123 -9.37 27.83 -8.61
C LEU C 123 -8.01 28.38 -9.03
N LYS C 124 -7.97 29.65 -9.44
CA LYS C 124 -6.74 30.30 -9.89
C LYS C 124 -5.60 30.30 -8.85
N PRO C 125 -5.91 30.60 -7.56
CA PRO C 125 -4.84 30.54 -6.55
C PRO C 125 -4.10 29.19 -6.49
N GLU C 126 -4.84 28.08 -6.58
CA GLU C 126 -4.26 26.73 -6.59
C GLU C 126 -3.25 26.55 -7.73
N TYR C 127 -3.57 27.10 -8.90
CA TYR C 127 -2.68 27.03 -10.05
C TYR C 127 -1.42 27.85 -9.85
N LEU C 128 -1.59 29.10 -9.40
CA LEU C 128 -0.47 30.04 -9.26
C LEU C 128 0.55 29.64 -8.19
N GLN C 129 0.08 28.96 -7.15
CA GLN C 129 0.99 28.44 -6.11
C GLN C 129 1.81 27.26 -6.63
N ALA C 130 1.21 26.45 -7.49
CA ALA C 130 1.88 25.29 -8.07
C ALA C 130 2.76 25.66 -9.27
N LEU C 131 2.54 26.86 -9.82
CA LEU C 131 3.24 27.30 -11.04
C LEU C 131 4.76 27.32 -10.94
N PRO C 132 5.34 27.95 -9.88
CA PRO C 132 6.81 27.97 -9.80
C PRO C 132 7.43 26.57 -9.75
N GLU C 133 6.79 25.63 -9.06
CA GLU C 133 7.23 24.23 -8.99
C GLU C 133 7.28 23.61 -10.40
N MET C 134 6.22 23.82 -11.17
CA MET C 134 6.13 23.34 -12.55
C MET C 134 7.25 23.90 -13.42
N LEU C 135 7.45 25.23 -13.36
CA LEU C 135 8.44 25.89 -14.20
C LEU C 135 9.86 25.54 -13.82
N LYS C 136 10.09 25.33 -12.52
CA LYS C 136 11.40 24.93 -12.02
C LYS C 136 11.86 23.63 -12.67
N LEU C 137 10.95 22.66 -12.79
CA LEU C 137 11.28 21.39 -13.42
C LEU C 137 11.71 21.56 -14.87
N TYR C 138 11.03 22.44 -15.60
CA TYR C 138 11.42 22.76 -16.97
C TYR C 138 12.75 23.51 -17.02
N SER C 139 12.93 24.42 -16.07
CA SER C 139 14.17 25.20 -15.98
C SER C 139 15.37 24.29 -15.70
N GLN C 140 15.20 23.37 -14.74
CA GLN C 140 16.24 22.40 -14.38
C GLN C 140 16.58 21.48 -15.56
N PHE C 141 15.55 21.07 -16.29
CA PHE C 141 15.74 20.21 -17.46
C PHE C 141 16.51 20.92 -18.57
N LEU C 142 16.10 22.15 -18.90
CA LEU C 142 16.75 22.89 -19.98
C LEU C 142 18.21 23.16 -19.61
N GLY C 143 18.42 23.59 -18.37
CA GLY C 143 19.77 23.91 -17.88
C GLY C 143 20.44 24.94 -18.75
N LYS C 144 21.64 24.63 -19.22
CA LYS C 144 22.41 25.58 -20.03
C LYS C 144 22.29 25.31 -21.54
N GLN C 145 21.50 24.31 -21.92
CA GLN C 145 21.28 23.98 -23.33
C GLN C 145 20.53 25.12 -24.02
N PRO C 146 20.85 25.39 -25.30
CA PRO C 146 20.09 26.40 -26.04
C PRO C 146 18.66 25.95 -26.34
N TRP C 147 18.47 24.65 -26.58
CA TRP C 147 17.17 24.10 -26.92
C TRP C 147 16.91 22.86 -26.08
N PHE C 148 15.66 22.42 -26.01
CA PHE C 148 15.29 21.37 -25.04
C PHE C 148 15.93 20.00 -25.27
N LEU C 149 16.30 19.70 -26.51
CA LEU C 149 17.02 18.44 -26.77
C LEU C 149 18.54 18.64 -26.91
N GLY C 150 19.00 19.86 -26.68
CA GLY C 150 20.42 20.17 -26.76
C GLY C 150 20.74 21.31 -27.72
N ASP C 151 21.70 21.07 -28.61
CA ASP C 151 22.21 22.11 -29.50
C ASP C 151 21.33 22.37 -30.73
N LYS C 152 20.52 21.37 -31.09
CA LYS C 152 19.67 21.44 -32.27
C LYS C 152 18.21 21.71 -31.87
N ILE C 153 17.63 22.74 -32.48
CA ILE C 153 16.21 23.04 -32.27
C ILE C 153 15.37 21.94 -32.91
N THR C 154 14.31 21.53 -32.21
CA THR C 154 13.42 20.47 -32.70
C THR C 154 11.98 20.85 -32.41
N PHE C 155 11.03 20.02 -32.83
CA PHE C 155 9.63 20.41 -32.69
C PHE C 155 9.19 20.64 -31.23
N VAL C 156 9.79 19.95 -30.25
CA VAL C 156 9.37 20.15 -28.87
C VAL C 156 9.66 21.56 -28.34
N ASP C 157 10.59 22.26 -29.00
CA ASP C 157 10.85 23.67 -28.67
C ASP C 157 9.70 24.59 -29.01
N PHE C 158 8.92 24.20 -30.03
CA PHE C 158 7.75 24.94 -30.47
C PHE C 158 6.59 24.73 -29.49
N ILE C 159 6.46 23.49 -28.99
CA ILE C 159 5.52 23.22 -27.92
C ILE C 159 5.95 23.97 -26.64
N ALA C 160 7.23 23.88 -26.32
CA ALA C 160 7.77 24.52 -25.11
C ALA C 160 7.55 26.02 -25.13
N TYR C 161 7.86 26.65 -26.27
CA TYR C 161 7.63 28.10 -26.41
C TYR C 161 6.17 28.45 -26.11
N ASP C 162 5.24 27.76 -26.76
CA ASP C 162 3.82 28.02 -26.59
C ASP C 162 3.39 27.91 -25.13
N VAL C 163 3.76 26.80 -24.46
CA VAL C 163 3.29 26.55 -23.10
C VAL C 163 3.91 27.56 -22.10
N LEU C 164 5.20 27.82 -22.26
CA LEU C 164 5.92 28.77 -21.39
C LEU C 164 5.47 30.22 -21.58
N GLU C 165 5.33 30.63 -22.84
CA GLU C 165 4.92 32.00 -23.17
C GLU C 165 3.47 32.25 -22.77
N ARG C 166 2.61 31.25 -22.95
CA ARG C 166 1.20 31.36 -22.55
C ARG C 166 1.07 31.56 -21.04
N ASN C 167 1.93 30.90 -20.29
CA ASN C 167 1.97 31.10 -18.84
C ASN C 167 2.42 32.50 -18.47
N GLN C 168 3.33 33.06 -19.27
CA GLN C 168 3.79 34.44 -19.10
C GLN C 168 2.69 35.45 -19.41
N VAL C 169 1.81 35.15 -20.35
CA VAL C 169 0.65 36.01 -20.58
C VAL C 169 -0.35 35.91 -19.41
N PHE C 170 -0.44 34.72 -18.83
CA PHE C 170 -1.33 34.46 -17.69
C PHE C 170 -0.80 35.05 -16.37
N GLU C 171 0.52 34.99 -16.19
CA GLU C 171 1.20 35.55 -15.01
C GLU C 171 2.54 36.13 -15.48
N PRO C 172 2.55 37.43 -15.82
CA PRO C 172 3.67 38.15 -16.45
C PRO C 172 5.04 37.93 -15.80
N SER C 173 5.08 37.73 -14.48
CA SER C 173 6.35 37.61 -13.76
C SER C 173 6.83 36.18 -13.54
N CYS C 174 6.09 35.18 -14.05
CA CYS C 174 6.36 33.78 -13.75
C CYS C 174 7.74 33.26 -14.18
N LEU C 175 8.30 33.83 -15.26
CA LEU C 175 9.61 33.38 -15.74
C LEU C 175 10.78 34.19 -15.18
N ASP C 176 10.48 35.16 -14.34
CA ASP C 176 11.51 36.03 -13.73
C ASP C 176 12.52 35.25 -12.90
N ALA C 177 12.01 34.30 -12.10
CA ALA C 177 12.84 33.45 -11.24
C ALA C 177 13.68 32.45 -12.02
N PHE C 178 13.41 32.31 -13.31
CA PHE C 178 14.09 31.33 -14.15
C PHE C 178 14.72 31.99 -15.39
N PRO C 179 15.95 32.52 -15.24
CA PRO C 179 16.69 33.19 -16.33
C PRO C 179 16.74 32.42 -17.64
N ASN C 180 17.09 31.13 -17.58
CA ASN C 180 17.23 30.33 -18.81
C ASN C 180 15.92 30.17 -19.58
N LEU C 181 14.79 30.17 -18.87
CA LEU C 181 13.47 30.09 -19.51
C LEU C 181 13.09 31.38 -20.24
N LYS C 182 13.29 32.54 -19.62
CA LYS C 182 13.02 33.80 -20.31
C LYS C 182 13.99 34.06 -21.46
N ASP C 183 15.23 33.59 -21.30
CA ASP C 183 16.24 33.59 -22.36
C ASP C 183 15.79 32.71 -23.55
N PHE C 184 15.23 31.55 -23.23
CA PHE C 184 14.67 30.65 -24.23
C PHE C 184 13.56 31.34 -25.05
N ILE C 185 12.67 32.03 -24.35
CA ILE C 185 11.58 32.78 -24.98
C ILE C 185 12.08 33.84 -25.95
N SER C 186 13.03 34.66 -25.50
CA SER C 186 13.60 35.71 -26.36
C SER C 186 14.35 35.14 -27.57
N ARG C 187 15.10 34.06 -27.34
CA ARG C 187 15.85 33.41 -28.41
C ARG C 187 14.92 32.79 -29.45
N PHE C 188 13.83 32.15 -28.99
CA PHE C 188 12.85 31.59 -29.91
C PHE C 188 12.23 32.66 -30.78
N GLU C 189 11.77 33.75 -30.16
CA GLU C 189 11.14 34.86 -30.88
C GLU C 189 12.13 35.57 -31.80
N GLY C 190 13.42 35.53 -31.44
CA GLY C 190 14.48 36.12 -32.25
C GLY C 190 14.86 35.34 -33.50
N LEU C 191 14.35 34.11 -33.64
CA LEU C 191 14.65 33.30 -34.83
C LEU C 191 14.15 33.98 -36.09
N GLU C 192 14.94 33.87 -37.16
CA GLU C 192 14.74 34.60 -38.42
C GLU C 192 13.29 34.52 -38.96
N LYS C 193 12.83 33.30 -39.23
CA LYS C 193 11.46 33.10 -39.73
C LYS C 193 10.40 33.43 -38.69
N ILE C 194 10.70 33.17 -37.42
CA ILE C 194 9.79 33.48 -36.33
C ILE C 194 9.61 34.99 -36.13
N SER C 195 10.73 35.71 -36.18
CA SER C 195 10.75 37.17 -36.05
C SER C 195 9.91 37.83 -37.14
N ALA C 196 10.11 37.37 -38.37
CA ALA C 196 9.37 37.89 -39.52
C ALA C 196 7.87 37.61 -39.41
N TYR C 197 7.55 36.40 -38.96
CA TYR C 197 6.15 35.97 -38.78
C TYR C 197 5.41 36.83 -37.76
N MET C 198 6.04 37.09 -36.63
CA MET C 198 5.42 37.83 -35.54
C MET C 198 5.21 39.32 -35.87
N LYS C 199 5.83 39.78 -36.94
CA LYS C 199 5.67 41.15 -37.42
C LYS C 199 4.64 41.22 -38.55
N SER C 200 4.31 40.06 -39.10
CA SER C 200 3.38 39.95 -40.22
C SER C 200 1.91 39.97 -39.78
N SER C 201 1.02 40.06 -40.76
CA SER C 201 -0.42 40.17 -40.53
C SER C 201 -1.07 38.84 -40.13
N ARG C 202 -0.40 37.73 -40.42
CA ARG C 202 -0.98 36.41 -40.12
C ARG C 202 -0.70 35.90 -38.70
N PHE C 203 0.11 36.64 -37.95
CA PHE C 203 0.37 36.32 -36.53
C PHE C 203 -0.90 36.51 -35.70
N LEU C 204 -1.31 35.45 -35.00
CA LEU C 204 -2.55 35.45 -34.22
C LEU C 204 -2.28 35.02 -32.78
N PRO C 205 -1.81 35.94 -31.93
CA PRO C 205 -1.49 35.61 -30.55
C PRO C 205 -2.71 35.57 -29.64
N ARG C 206 -3.84 36.07 -30.13
CA ARG C 206 -5.03 36.27 -29.32
C ARG C 206 -6.26 36.09 -30.20
N PRO C 207 -7.40 35.60 -29.64
CA PRO C 207 -7.65 35.11 -28.27
C PRO C 207 -6.82 33.86 -27.97
N VAL C 208 -6.44 33.68 -26.70
CA VAL C 208 -5.66 32.53 -26.29
C VAL C 208 -6.50 31.25 -26.35
N PHE C 209 -7.72 31.32 -25.83
CA PHE C 209 -8.65 30.18 -25.84
C PHE C 209 -9.93 30.50 -26.61
N SER C 210 -10.86 29.55 -26.63
CA SER C 210 -12.10 29.70 -27.38
C SER C 210 -13.13 30.55 -26.64
N LYS C 211 -14.27 30.78 -27.28
CA LYS C 211 -15.32 31.67 -26.74
C LYS C 211 -15.95 31.15 -25.44
N MET C 212 -15.88 29.83 -25.22
CA MET C 212 -16.42 29.19 -24.03
C MET C 212 -15.55 29.39 -22.78
N ALA C 213 -14.32 29.86 -22.98
CA ALA C 213 -13.36 30.03 -21.90
C ALA C 213 -13.77 31.16 -20.95
N VAL C 214 -13.37 31.03 -19.69
CA VAL C 214 -13.64 32.07 -18.68
C VAL C 214 -12.52 33.11 -18.66
N TRP C 215 -11.29 32.65 -18.90
CA TRP C 215 -10.15 33.53 -19.10
C TRP C 215 -9.60 33.32 -20.52
N GLY C 216 -9.24 34.42 -21.17
CA GLY C 216 -8.54 34.38 -22.45
C GLY C 216 -9.42 34.13 -23.67
N ASN C 217 -10.68 34.54 -23.59
CA ASN C 217 -11.65 34.32 -24.68
C ASN C 217 -11.72 35.46 -25.71
N LYS C 218 -10.88 36.48 -25.57
CA LYS C 218 -10.81 37.55 -26.57
C LYS C 218 -9.39 38.08 -26.82
N PRO D 2 17.52 -6.05 -14.31
CA PRO D 2 16.26 -5.85 -15.01
C PRO D 2 15.83 -4.37 -15.00
N MET D 3 14.88 -4.03 -15.87
CA MET D 3 14.23 -2.72 -15.78
C MET D 3 13.29 -2.72 -14.58
N THR D 4 12.96 -1.53 -14.09
CA THR D 4 11.98 -1.36 -13.02
C THR D 4 10.80 -0.53 -13.52
N LEU D 5 9.59 -1.07 -13.38
CA LEU D 5 8.36 -0.33 -13.68
C LEU D 5 7.70 0.08 -12.38
N GLY D 6 7.58 1.39 -12.17
CA GLY D 6 6.94 1.90 -10.96
C GLY D 6 5.55 2.40 -11.25
N TYR D 7 4.56 1.97 -10.46
CA TYR D 7 3.19 2.47 -10.60
C TYR D 7 2.40 2.12 -9.35
N TRP D 8 1.16 2.56 -9.29
CA TRP D 8 0.23 2.13 -8.24
C TRP D 8 -0.12 0.66 -8.46
N ASN D 9 -0.68 0.06 -7.41
CA ASN D 9 -1.13 -1.32 -7.44
C ASN D 9 -2.53 -1.43 -8.07
N ILE D 10 -2.65 -0.87 -9.27
CA ILE D 10 -3.91 -0.86 -10.01
C ILE D 10 -3.59 -1.04 -11.48
N ARG D 11 -4.63 -1.21 -12.30
CA ARG D 11 -4.47 -1.29 -13.76
C ARG D 11 -4.05 0.08 -14.32
N GLY D 12 -4.95 1.05 -14.30
CA GLY D 12 -4.64 2.41 -14.68
C GLY D 12 -3.78 2.56 -15.92
N LEU D 13 -2.81 3.46 -15.82
CA LEU D 13 -1.94 3.82 -16.94
C LEU D 13 -0.81 2.84 -17.23
N ALA D 14 -0.65 1.82 -16.40
CA ALA D 14 0.44 0.87 -16.58
C ALA D 14 0.03 -0.38 -17.32
N HIS D 15 -1.27 -0.56 -17.59
CA HIS D 15 -1.73 -1.83 -18.19
C HIS D 15 -1.07 -2.08 -19.55
N SER D 16 -1.11 -1.08 -20.43
CA SER D 16 -0.52 -1.22 -21.76
C SER D 16 0.97 -1.48 -21.68
N ILE D 17 1.63 -0.81 -20.73
CA ILE D 17 3.08 -0.98 -20.51
C ILE D 17 3.39 -2.40 -20.05
N ARG D 18 2.67 -2.89 -19.05
CA ARG D 18 2.90 -4.25 -18.57
C ARG D 18 2.71 -5.26 -19.70
N LEU D 19 1.64 -5.10 -20.48
CA LEU D 19 1.38 -6.00 -21.59
C LEU D 19 2.50 -5.95 -22.62
N LEU D 20 3.01 -4.75 -22.91
CA LEU D 20 4.08 -4.63 -23.90
C LEU D 20 5.39 -5.25 -23.39
N LEU D 21 5.67 -5.06 -22.11
CA LEU D 21 6.86 -5.68 -21.50
C LEU D 21 6.78 -7.21 -21.58
N GLU D 22 5.60 -7.76 -21.35
CA GLU D 22 5.38 -9.20 -21.45
C GLU D 22 5.52 -9.69 -22.88
N TYR D 23 4.90 -8.98 -23.81
CA TYR D 23 4.95 -9.37 -25.23
C TYR D 23 6.39 -9.40 -25.76
N THR D 24 7.21 -8.45 -25.30
CA THR D 24 8.58 -8.27 -25.78
C THR D 24 9.61 -9.13 -25.01
N ASP D 25 9.13 -9.95 -24.07
CA ASP D 25 10.01 -10.81 -23.27
C ASP D 25 11.03 -9.96 -22.49
N SER D 26 10.63 -8.76 -22.10
CA SER D 26 11.49 -7.89 -21.33
C SER D 26 11.74 -8.46 -19.94
N SER D 27 12.96 -8.29 -19.44
CA SER D 27 13.24 -8.60 -18.05
C SER D 27 12.95 -7.36 -17.22
N TYR D 28 11.94 -7.44 -16.35
CA TYR D 28 11.56 -6.30 -15.53
C TYR D 28 11.04 -6.72 -14.18
N GLU D 29 11.20 -5.81 -13.21
CA GLU D 29 10.59 -5.94 -11.92
C GLU D 29 9.61 -4.79 -11.77
N GLU D 30 8.62 -4.96 -10.91
CA GLU D 30 7.69 -3.89 -10.62
C GLU D 30 7.83 -3.38 -9.21
N LYS D 31 7.70 -2.07 -9.06
CA LYS D 31 7.48 -1.48 -7.76
C LYS D 31 6.06 -0.94 -7.72
N LYS D 32 5.20 -1.62 -6.96
CA LYS D 32 3.77 -1.32 -6.92
C LYS D 32 3.42 -0.60 -5.61
N TYR D 33 3.31 0.71 -5.72
CA TYR D 33 3.02 1.58 -4.58
C TYR D 33 1.57 1.42 -4.16
N THR D 34 1.31 1.46 -2.86
CA THR D 34 -0.06 1.32 -2.40
C THR D 34 -0.57 2.67 -1.92
N MET D 35 -1.87 2.83 -2.02
CA MET D 35 -2.49 4.07 -1.63
C MET D 35 -3.50 3.73 -0.55
N GLY D 36 -3.53 4.53 0.52
CA GLY D 36 -4.50 4.33 1.58
C GLY D 36 -5.91 4.72 1.18
N ASP D 37 -6.88 4.40 2.04
CA ASP D 37 -8.29 4.71 1.81
C ASP D 37 -8.56 6.19 2.05
N ALA D 38 -9.77 6.61 1.66
CA ALA D 38 -10.30 7.94 1.95
C ALA D 38 -10.43 8.13 3.46
N PRO D 39 -10.35 9.39 3.94
CA PRO D 39 -10.15 10.62 3.15
C PRO D 39 -8.70 11.00 2.90
N ASP D 40 -7.76 10.36 3.58
CA ASP D 40 -6.36 10.75 3.51
C ASP D 40 -5.64 10.25 2.27
N TYR D 41 -6.06 9.11 1.74
CA TYR D 41 -5.39 8.49 0.58
C TYR D 41 -3.87 8.48 0.74
N ASP D 42 -3.42 7.92 1.85
CA ASP D 42 -2.00 7.84 2.17
C ASP D 42 -1.13 7.32 1.03
N ARG D 43 -0.11 8.09 0.66
CA ARG D 43 0.78 7.76 -0.46
C ARG D 43 2.22 7.83 0.01
N SER D 44 2.45 7.40 1.25
CA SER D 44 3.72 7.58 1.94
C SER D 44 4.93 6.94 1.25
N GLN D 45 4.81 5.67 0.84
CA GLN D 45 5.91 4.97 0.15
C GLN D 45 6.30 5.69 -1.14
N TRP D 46 5.32 6.26 -1.86
CA TRP D 46 5.62 7.01 -3.10
C TRP D 46 6.22 8.39 -2.85
N LEU D 47 5.62 9.16 -1.95
CA LEU D 47 6.14 10.49 -1.65
C LEU D 47 7.54 10.45 -1.02
N ASN D 48 7.86 9.36 -0.31
CA ASN D 48 9.19 9.13 0.27
C ASN D 48 10.28 9.07 -0.81
N GLU D 49 9.88 8.67 -2.00
CA GLU D 49 10.77 8.20 -3.06
C GLU D 49 10.75 9.07 -4.32
N LYS D 50 9.64 9.78 -4.50
CA LYS D 50 9.31 10.50 -5.74
C LYS D 50 10.45 11.32 -6.33
N PHE D 51 11.14 12.07 -5.48
CA PHE D 51 12.18 12.99 -5.93
C PHE D 51 13.60 12.42 -5.80
N LYS D 52 13.69 11.11 -5.56
CA LYS D 52 14.97 10.48 -5.30
C LYS D 52 15.32 9.36 -6.28
N LEU D 53 14.64 9.35 -7.42
CA LEU D 53 14.83 8.30 -8.42
C LEU D 53 15.53 8.75 -9.70
N GLY D 54 15.95 10.02 -9.76
CA GLY D 54 16.62 10.55 -10.95
C GLY D 54 15.68 10.94 -12.08
N LEU D 55 14.38 11.00 -11.78
CA LEU D 55 13.39 11.36 -12.79
C LEU D 55 13.38 12.87 -13.00
N ASP D 56 13.42 13.29 -14.26
CA ASP D 56 13.38 14.72 -14.60
C ASP D 56 12.06 15.36 -14.18
N PHE D 57 10.96 14.63 -14.40
CA PHE D 57 9.64 15.10 -14.05
C PHE D 57 8.94 13.98 -13.28
N PRO D 58 9.26 13.82 -11.97
CA PRO D 58 8.80 12.64 -11.26
C PRO D 58 7.30 12.39 -11.42
N ASN D 59 6.94 11.14 -11.66
CA ASN D 59 5.58 10.78 -11.98
C ASN D 59 5.45 9.27 -11.92
N LEU D 60 4.20 8.83 -11.97
CA LEU D 60 3.83 7.43 -12.10
C LEU D 60 2.92 7.29 -13.32
N PRO D 61 3.22 6.33 -14.22
CA PRO D 61 4.29 5.33 -14.15
C PRO D 61 5.67 5.87 -14.47
N TYR D 62 6.68 5.14 -14.00
CA TYR D 62 8.04 5.40 -14.42
C TYR D 62 8.70 4.10 -14.82
N LEU D 63 9.71 4.20 -15.68
CA LEU D 63 10.48 3.04 -16.08
C LEU D 63 11.95 3.39 -15.92
N ILE D 64 12.68 2.59 -15.15
CA ILE D 64 14.12 2.75 -15.01
C ILE D 64 14.76 1.64 -15.80
N ASP D 65 15.60 2.01 -16.77
CA ASP D 65 16.39 1.04 -17.50
C ASP D 65 17.83 1.55 -17.52
N GLY D 66 18.61 1.17 -16.52
CA GLY D 66 19.96 1.71 -16.35
C GLY D 66 19.90 3.22 -16.16
N THR D 67 20.67 3.94 -16.97
CA THR D 67 20.73 5.41 -16.87
C THR D 67 19.51 6.09 -17.50
N HIS D 68 18.71 5.32 -18.24
CA HIS D 68 17.44 5.82 -18.76
C HIS D 68 16.39 5.83 -17.64
N LYS D 69 15.96 7.03 -17.26
CA LYS D 69 14.91 7.22 -16.25
C LYS D 69 13.75 7.88 -16.97
N ILE D 70 12.64 7.16 -17.13
CA ILE D 70 11.58 7.63 -18.02
C ILE D 70 10.26 7.78 -17.28
N THR D 71 9.56 8.89 -17.51
CA THR D 71 8.18 9.05 -17.11
C THR D 71 7.37 9.33 -18.38
N GLN D 72 6.05 9.44 -18.19
CA GLN D 72 5.05 9.61 -19.24
C GLN D 72 4.79 8.28 -19.92
N SER D 73 3.60 7.75 -19.68
CA SER D 73 3.23 6.43 -20.21
C SER D 73 3.52 6.27 -21.71
N ASN D 74 3.21 7.30 -22.51
CA ASN D 74 3.49 7.20 -23.96
C ASN D 74 4.99 7.13 -24.28
N ALA D 75 5.79 7.85 -23.51
CA ALA D 75 7.25 7.83 -23.71
C ALA D 75 7.82 6.46 -23.31
N ILE D 76 7.28 5.87 -22.24
CA ILE D 76 7.67 4.52 -21.83
C ILE D 76 7.33 3.50 -22.90
N LEU D 77 6.09 3.57 -23.42
CA LEU D 77 5.68 2.67 -24.49
C LEU D 77 6.55 2.81 -25.72
N ARG D 78 6.82 4.05 -26.13
CA ARG D 78 7.65 4.27 -27.32
C ARG D 78 9.08 3.75 -27.13
N TYR D 79 9.61 3.93 -25.93
CA TYR D 79 10.96 3.46 -25.61
C TYR D 79 11.06 1.94 -25.79
N ILE D 80 10.13 1.21 -25.19
CA ILE D 80 10.12 -0.22 -25.32
C ILE D 80 9.87 -0.63 -26.77
N ALA D 81 8.94 0.05 -27.44
CA ALA D 81 8.57 -0.29 -28.81
C ALA D 81 9.76 -0.15 -29.76
N ARG D 82 10.52 0.94 -29.60
CA ARG D 82 11.68 1.19 -30.48
C ARG D 82 12.72 0.10 -30.34
N LYS D 83 12.92 -0.35 -29.10
CA LYS D 83 13.88 -1.40 -28.76
C LYS D 83 13.54 -2.71 -29.47
N HIS D 84 12.25 -2.96 -29.71
CA HIS D 84 11.78 -4.23 -30.25
C HIS D 84 11.12 -4.12 -31.61
N ASN D 85 11.38 -3.01 -32.29
CA ASN D 85 10.85 -2.75 -33.63
C ASN D 85 9.33 -2.93 -33.71
N LEU D 86 8.61 -2.34 -32.76
CA LEU D 86 7.14 -2.41 -32.71
C LEU D 86 6.55 -1.04 -32.96
N CYS D 87 7.08 -0.38 -33.99
CA CYS D 87 6.66 0.96 -34.38
C CYS D 87 6.21 0.97 -35.82
N GLY D 88 5.42 1.97 -36.17
CA GLY D 88 5.12 2.24 -37.58
C GLY D 88 6.41 2.53 -38.34
N GLU D 89 6.42 2.16 -39.61
CA GLU D 89 7.62 2.30 -40.44
C GLU D 89 7.45 3.26 -41.61
N SER D 90 6.48 3.01 -42.48
CA SER D 90 6.23 3.95 -43.59
C SER D 90 5.80 5.30 -43.01
N GLU D 91 5.93 6.37 -43.80
CA GLU D 91 5.46 7.68 -43.37
C GLU D 91 3.97 7.60 -42.99
N LYS D 92 3.16 6.93 -43.80
CA LYS D 92 1.72 6.79 -43.54
C LYS D 92 1.49 6.11 -42.20
N GLU D 93 2.26 5.07 -41.91
CA GLU D 93 2.12 4.33 -40.65
C GLU D 93 2.51 5.18 -39.47
N GLN D 94 3.57 5.97 -39.61
CA GLN D 94 3.99 6.89 -38.56
C GLN D 94 2.95 7.95 -38.26
N ILE D 95 2.31 8.47 -39.29
CA ILE D 95 1.25 9.45 -39.11
C ILE D 95 0.10 8.78 -38.35
N ARG D 96 -0.31 7.60 -38.79
CA ARG D 96 -1.41 6.88 -38.15
C ARG D 96 -1.10 6.53 -36.70
N GLU D 97 0.15 6.14 -36.45
CA GLU D 97 0.62 5.86 -35.09
C GLU D 97 0.43 7.07 -34.20
N ASP D 98 0.87 8.24 -34.66
CA ASP D 98 0.77 9.47 -33.89
C ASP D 98 -0.69 9.89 -33.70
N ILE D 99 -1.50 9.80 -34.75
CA ILE D 99 -2.91 10.15 -34.61
C ILE D 99 -3.54 9.25 -33.53
N LEU D 100 -3.34 7.95 -33.65
CA LEU D 100 -3.96 7.01 -32.73
C LEU D 100 -3.44 7.13 -31.29
N GLU D 101 -2.14 7.30 -31.11
CA GLU D 101 -1.59 7.46 -29.78
C GLU D 101 -2.35 8.58 -29.06
N ASN D 102 -2.51 9.72 -29.74
CA ASN D 102 -3.13 10.89 -29.13
C ASN D 102 -4.65 10.74 -29.04
N GLN D 103 -5.27 10.15 -30.04
CA GLN D 103 -6.70 9.91 -30.00
C GLN D 103 -7.09 8.97 -28.86
N PHE D 104 -6.34 7.88 -28.69
CA PHE D 104 -6.63 6.97 -27.60
C PHE D 104 -6.39 7.60 -26.24
N MET D 105 -5.39 8.48 -26.13
CA MET D 105 -5.18 9.18 -24.88
C MET D 105 -6.38 10.07 -24.59
N ASP D 106 -6.90 10.78 -25.59
CA ASP D 106 -8.12 11.58 -25.38
C ASP D 106 -9.25 10.69 -24.87
N SER D 107 -9.46 9.53 -25.49
CA SER D 107 -10.53 8.62 -25.06
C SER D 107 -10.29 8.17 -23.63
N ARG D 108 -9.04 7.81 -23.33
CA ARG D 108 -8.68 7.34 -21.99
C ARG D 108 -9.02 8.42 -20.97
N MET D 109 -8.64 9.66 -21.26
CA MET D 109 -8.84 10.77 -20.32
C MET D 109 -10.31 11.11 -20.17
N GLN D 110 -11.11 10.92 -21.21
CA GLN D 110 -12.56 11.15 -21.11
C GLN D 110 -13.14 10.22 -20.05
N LEU D 111 -12.77 8.95 -20.10
CA LEU D 111 -13.32 7.98 -19.15
C LEU D 111 -12.78 8.22 -17.76
N ALA D 112 -11.47 8.46 -17.64
CA ALA D 112 -10.87 8.67 -16.33
C ALA D 112 -11.44 9.91 -15.65
N LYS D 113 -11.56 11.00 -16.39
CA LYS D 113 -12.13 12.23 -15.84
C LYS D 113 -13.51 11.97 -15.25
N LEU D 114 -14.33 11.24 -16.01
CA LEU D 114 -15.68 10.85 -15.58
C LEU D 114 -15.63 10.06 -14.28
N CYS D 115 -14.79 9.01 -14.25
CA CYS D 115 -14.80 8.07 -13.14
C CYS D 115 -14.22 8.62 -11.85
N TYR D 116 -13.47 9.72 -11.95
CA TYR D 116 -12.97 10.40 -10.77
C TYR D 116 -13.84 11.58 -10.34
N ASP D 117 -14.90 11.86 -11.10
CA ASP D 117 -15.75 13.03 -10.81
C ASP D 117 -16.77 12.68 -9.73
N PRO D 118 -16.89 13.53 -8.68
CA PRO D 118 -17.91 13.25 -7.66
C PRO D 118 -19.33 13.23 -8.19
N ASP D 119 -19.57 13.84 -9.34
CA ASP D 119 -20.91 13.84 -9.96
C ASP D 119 -21.01 12.77 -11.04
N PHE D 120 -20.23 11.71 -10.87
CA PHE D 120 -20.15 10.59 -11.81
C PHE D 120 -21.49 10.16 -12.41
N GLU D 121 -22.46 9.80 -11.56
CA GLU D 121 -23.70 9.27 -12.12
C GLU D 121 -24.52 10.32 -12.87
N LYS D 122 -24.35 11.59 -12.52
CA LYS D 122 -25.02 12.65 -13.26
C LYS D 122 -24.39 12.87 -14.64
N LEU D 123 -23.08 12.63 -14.72
CA LEU D 123 -22.29 12.86 -15.95
C LEU D 123 -22.18 11.63 -16.85
N LYS D 124 -22.47 10.47 -16.31
CA LYS D 124 -22.31 9.21 -17.04
C LYS D 124 -23.15 9.13 -18.31
N PRO D 125 -24.43 9.58 -18.26
CA PRO D 125 -25.21 9.52 -19.49
C PRO D 125 -24.54 10.27 -20.67
N GLU D 126 -23.96 11.43 -20.43
CA GLU D 126 -23.25 12.18 -21.49
C GLU D 126 -22.11 11.32 -22.10
N TYR D 127 -21.37 10.63 -21.25
CA TYR D 127 -20.29 9.76 -21.73
C TYR D 127 -20.85 8.61 -22.57
N LEU D 128 -21.90 7.95 -22.07
CA LEU D 128 -22.51 6.86 -22.80
C LEU D 128 -23.10 7.31 -24.15
N GLN D 129 -23.57 8.57 -24.20
CA GLN D 129 -24.13 9.10 -25.44
C GLN D 129 -23.06 9.31 -26.50
N ALA D 130 -21.85 9.60 -26.06
CA ALA D 130 -20.69 9.84 -26.93
C ALA D 130 -19.88 8.60 -27.26
N LEU D 131 -20.05 7.53 -26.48
CA LEU D 131 -19.23 6.34 -26.63
C LEU D 131 -19.39 5.62 -27.99
N PRO D 132 -20.62 5.43 -28.47
CA PRO D 132 -20.76 4.72 -29.76
C PRO D 132 -20.03 5.39 -30.93
N GLU D 133 -20.05 6.73 -30.99
CA GLU D 133 -19.33 7.41 -32.06
C GLU D 133 -17.80 7.22 -31.94
N MET D 134 -17.29 7.33 -30.71
CA MET D 134 -15.87 7.04 -30.43
C MET D 134 -15.51 5.67 -30.99
N LEU D 135 -16.29 4.67 -30.62
CA LEU D 135 -15.99 3.29 -30.99
C LEU D 135 -16.16 3.10 -32.49
N LYS D 136 -17.18 3.73 -33.07
CA LYS D 136 -17.39 3.60 -34.51
C LYS D 136 -16.17 4.10 -35.28
N LEU D 137 -15.60 5.22 -34.86
CA LEU D 137 -14.44 5.76 -35.57
C LEU D 137 -13.25 4.82 -35.45
N TYR D 138 -13.05 4.20 -34.28
CA TYR D 138 -11.97 3.19 -34.15
C TYR D 138 -12.24 1.98 -35.01
N SER D 139 -13.48 1.53 -35.01
CA SER D 139 -13.87 0.39 -35.82
C SER D 139 -13.67 0.65 -37.30
N GLN D 140 -14.09 1.83 -37.77
CA GLN D 140 -13.95 2.20 -39.17
C GLN D 140 -12.49 2.23 -39.57
N PHE D 141 -11.67 2.81 -38.71
CA PHE D 141 -10.25 2.91 -38.98
C PHE D 141 -9.59 1.53 -39.06
N LEU D 142 -9.89 0.64 -38.12
CA LEU D 142 -9.28 -0.69 -38.14
C LEU D 142 -9.71 -1.46 -39.39
N GLY D 143 -10.99 -1.37 -39.75
CA GLY D 143 -11.49 -2.07 -40.92
C GLY D 143 -11.21 -3.55 -40.81
N LYS D 144 -10.68 -4.14 -41.89
CA LYS D 144 -10.41 -5.57 -41.95
C LYS D 144 -8.95 -5.92 -41.58
N GLN D 145 -8.19 -4.90 -41.17
CA GLN D 145 -6.80 -5.10 -40.76
C GLN D 145 -6.71 -5.90 -39.45
N PRO D 146 -5.69 -6.75 -39.30
CA PRO D 146 -5.55 -7.42 -38.01
C PRO D 146 -5.12 -6.49 -36.88
N TRP D 147 -4.32 -5.47 -37.21
CA TRP D 147 -3.78 -4.55 -36.21
C TRP D 147 -4.00 -3.12 -36.69
N PHE D 148 -3.88 -2.16 -35.78
CA PHE D 148 -4.25 -0.79 -36.13
C PHE D 148 -3.41 -0.13 -37.21
N LEU D 149 -2.16 -0.57 -37.37
CA LEU D 149 -1.32 -0.01 -38.44
C LEU D 149 -1.23 -0.96 -39.63
N GLY D 150 -2.01 -2.04 -39.60
CA GLY D 150 -2.06 -2.98 -40.73
C GLY D 150 -1.72 -4.39 -40.32
N ASP D 151 -0.78 -5.00 -41.06
CA ASP D 151 -0.48 -6.43 -40.85
C ASP D 151 0.47 -6.68 -39.69
N LYS D 152 1.18 -5.64 -39.27
CA LYS D 152 2.19 -5.73 -38.21
C LYS D 152 1.63 -5.17 -36.90
N ILE D 153 1.72 -5.95 -35.82
CA ILE D 153 1.34 -5.44 -34.50
C ILE D 153 2.39 -4.41 -34.04
N THR D 154 1.92 -3.32 -33.44
CA THR D 154 2.80 -2.26 -32.95
C THR D 154 2.30 -1.74 -31.60
N PHE D 155 3.02 -0.79 -31.02
CA PHE D 155 2.68 -0.39 -29.64
C PHE D 155 1.28 0.20 -29.54
N VAL D 156 0.78 0.85 -30.59
CA VAL D 156 -0.55 1.44 -30.45
C VAL D 156 -1.64 0.38 -30.28
N ASP D 157 -1.38 -0.85 -30.70
CA ASP D 157 -2.31 -1.94 -30.45
C ASP D 157 -2.45 -2.25 -28.96
N PHE D 158 -1.39 -2.01 -28.20
CA PHE D 158 -1.42 -2.23 -26.76
C PHE D 158 -2.24 -1.15 -26.05
N ILE D 159 -2.11 0.08 -26.54
CA ILE D 159 -2.97 1.18 -26.08
C ILE D 159 -4.42 0.88 -26.48
N ALA D 160 -4.64 0.50 -27.73
CA ALA D 160 -5.98 0.21 -28.23
C ALA D 160 -6.67 -0.88 -27.42
N TYR D 161 -5.97 -1.98 -27.19
CA TYR D 161 -6.54 -3.06 -26.43
C TYR D 161 -7.00 -2.52 -25.07
N ASP D 162 -6.13 -1.81 -24.37
CA ASP D 162 -6.46 -1.30 -23.04
C ASP D 162 -7.72 -0.41 -23.07
N VAL D 163 -7.76 0.57 -23.97
CA VAL D 163 -8.87 1.52 -24.02
C VAL D 163 -10.17 0.82 -24.42
N LEU D 164 -10.12 -0.05 -25.42
CA LEU D 164 -11.32 -0.75 -25.87
C LEU D 164 -11.83 -1.73 -24.84
N GLU D 165 -10.93 -2.54 -24.28
CA GLU D 165 -11.34 -3.54 -23.31
C GLU D 165 -11.87 -2.84 -22.04
N ARG D 166 -11.24 -1.74 -21.62
CA ARG D 166 -11.74 -1.00 -20.45
C ARG D 166 -13.15 -0.48 -20.70
N ASN D 167 -13.40 0.02 -21.91
CA ASN D 167 -14.76 0.46 -22.22
C ASN D 167 -15.78 -0.67 -22.18
N GLN D 168 -15.35 -1.87 -22.57
CA GLN D 168 -16.21 -3.05 -22.48
C GLN D 168 -16.47 -3.42 -21.02
N VAL D 169 -15.48 -3.23 -20.14
CA VAL D 169 -15.72 -3.41 -18.70
C VAL D 169 -16.75 -2.41 -18.22
N PHE D 170 -16.61 -1.17 -18.68
CA PHE D 170 -17.46 -0.06 -18.21
C PHE D 170 -18.90 -0.18 -18.71
N GLU D 171 -19.05 -0.50 -19.99
CA GLU D 171 -20.36 -0.64 -20.65
C GLU D 171 -20.33 -1.96 -21.42
N PRO D 172 -20.75 -3.08 -20.77
CA PRO D 172 -20.57 -4.41 -21.33
C PRO D 172 -20.99 -4.65 -22.78
N SER D 173 -22.04 -3.98 -23.23
CA SER D 173 -22.56 -4.23 -24.58
C SER D 173 -21.96 -3.31 -25.64
N CYS D 174 -21.01 -2.45 -25.28
CA CYS D 174 -20.62 -1.37 -26.20
C CYS D 174 -19.94 -1.83 -27.49
N LEU D 175 -19.33 -3.01 -27.48
CA LEU D 175 -18.69 -3.53 -28.69
C LEU D 175 -19.60 -4.41 -29.54
N ASP D 176 -20.86 -4.61 -29.13
CA ASP D 176 -21.77 -5.50 -29.88
C ASP D 176 -21.89 -5.12 -31.34
N ALA D 177 -21.94 -3.82 -31.62
CA ALA D 177 -22.11 -3.27 -32.96
C ALA D 177 -20.86 -3.36 -33.81
N PHE D 178 -19.74 -3.74 -33.20
CA PHE D 178 -18.44 -3.66 -33.86
C PHE D 178 -17.69 -4.99 -33.81
N PRO D 179 -18.11 -5.96 -34.65
CA PRO D 179 -17.46 -7.28 -34.66
C PRO D 179 -15.94 -7.19 -34.77
N ASN D 180 -15.40 -6.27 -35.57
CA ASN D 180 -13.94 -6.20 -35.69
C ASN D 180 -13.23 -5.78 -34.41
N LEU D 181 -13.89 -5.00 -33.56
CA LEU D 181 -13.26 -4.63 -32.30
C LEU D 181 -13.30 -5.80 -31.31
N LYS D 182 -14.41 -6.53 -31.31
CA LYS D 182 -14.50 -7.77 -30.52
C LYS D 182 -13.40 -8.73 -30.94
N ASP D 183 -13.21 -8.88 -32.25
CA ASP D 183 -12.21 -9.80 -32.78
C ASP D 183 -10.80 -9.35 -32.47
N PHE D 184 -10.59 -8.03 -32.48
CA PHE D 184 -9.31 -7.44 -32.12
C PHE D 184 -8.95 -7.81 -30.67
N ILE D 185 -9.91 -7.63 -29.76
CA ILE D 185 -9.68 -7.99 -28.35
C ILE D 185 -9.32 -9.47 -28.21
N SER D 186 -10.06 -10.33 -28.90
CA SER D 186 -9.81 -11.78 -28.84
C SER D 186 -8.43 -12.13 -29.38
N ARG D 187 -8.06 -11.52 -30.51
CA ARG D 187 -6.77 -11.80 -31.14
C ARG D 187 -5.64 -11.34 -30.23
N PHE D 188 -5.79 -10.16 -29.63
CA PHE D 188 -4.78 -9.66 -28.73
C PHE D 188 -4.61 -10.59 -27.52
N GLU D 189 -5.72 -10.97 -26.90
CA GLU D 189 -5.66 -11.86 -25.73
C GLU D 189 -5.14 -13.26 -26.06
N GLY D 190 -5.25 -13.64 -27.33
CA GLY D 190 -4.77 -14.92 -27.82
C GLY D 190 -3.29 -14.97 -28.15
N LEU D 191 -2.62 -13.82 -28.21
CA LEU D 191 -1.17 -13.82 -28.47
C LEU D 191 -0.48 -14.64 -27.39
N GLU D 192 0.47 -15.48 -27.79
CA GLU D 192 1.09 -16.43 -26.85
C GLU D 192 1.54 -15.83 -25.51
N LYS D 193 2.30 -14.75 -25.57
CA LYS D 193 2.82 -14.13 -24.34
C LYS D 193 1.75 -13.43 -23.53
N ILE D 194 0.72 -12.92 -24.22
CA ILE D 194 -0.40 -12.26 -23.53
C ILE D 194 -1.28 -13.27 -22.82
N SER D 195 -1.61 -14.35 -23.53
CA SER D 195 -2.39 -15.43 -22.95
C SER D 195 -1.68 -16.01 -21.70
N ALA D 196 -0.38 -16.25 -21.82
CA ALA D 196 0.40 -16.77 -20.69
C ALA D 196 0.42 -15.79 -19.52
N TYR D 197 0.65 -14.51 -19.82
CA TYR D 197 0.65 -13.47 -18.80
C TYR D 197 -0.68 -13.44 -18.06
N MET D 198 -1.78 -13.58 -18.79
CA MET D 198 -3.08 -13.49 -18.14
C MET D 198 -3.38 -14.66 -17.22
N LYS D 199 -2.59 -15.73 -17.35
CA LYS D 199 -2.66 -16.89 -16.44
C LYS D 199 -1.63 -16.84 -15.32
N SER D 200 -0.80 -15.79 -15.31
CA SER D 200 0.35 -15.70 -14.40
C SER D 200 -0.02 -14.99 -13.12
N SER D 201 0.89 -15.07 -12.15
CA SER D 201 0.74 -14.35 -10.90
C SER D 201 0.85 -12.84 -11.06
N ARG D 202 1.32 -12.39 -12.22
CA ARG D 202 1.66 -10.98 -12.44
C ARG D 202 0.50 -10.16 -13.02
N PHE D 203 -0.52 -10.83 -13.55
CA PHE D 203 -1.63 -10.15 -14.20
C PHE D 203 -2.40 -9.32 -13.17
N LEU D 204 -2.68 -8.06 -13.52
CA LEU D 204 -3.28 -7.10 -12.59
C LEU D 204 -4.44 -6.33 -13.25
N PRO D 205 -5.56 -7.02 -13.49
CA PRO D 205 -6.67 -6.38 -14.17
C PRO D 205 -7.48 -5.41 -13.30
N ARG D 206 -7.38 -5.56 -11.98
CA ARG D 206 -8.20 -4.78 -11.03
C ARG D 206 -7.41 -4.37 -9.80
N PRO D 207 -7.78 -3.24 -9.16
CA PRO D 207 -8.82 -2.29 -9.57
C PRO D 207 -8.44 -1.58 -10.87
N VAL D 208 -9.44 -1.12 -11.60
CA VAL D 208 -9.19 -0.38 -12.83
C VAL D 208 -8.56 1.00 -12.54
N PHE D 209 -9.09 1.71 -11.55
CA PHE D 209 -8.63 3.06 -11.19
C PHE D 209 -8.20 3.05 -9.71
N SER D 210 -7.71 4.21 -9.26
CA SER D 210 -7.22 4.32 -7.88
C SER D 210 -8.36 4.48 -6.88
N LYS D 211 -8.01 4.55 -5.59
CA LYS D 211 -9.03 4.61 -4.53
C LYS D 211 -9.84 5.90 -4.55
N MET D 212 -9.32 6.93 -5.20
CA MET D 212 -10.03 8.21 -5.30
C MET D 212 -11.19 8.16 -6.31
N ALA D 213 -11.20 7.15 -7.17
CA ALA D 213 -12.26 7.06 -8.17
C ALA D 213 -13.57 6.64 -7.55
N VAL D 214 -14.69 6.96 -8.20
CA VAL D 214 -15.99 6.48 -7.73
C VAL D 214 -16.58 5.39 -8.61
N TRP D 215 -15.86 5.01 -9.66
CA TRP D 215 -16.14 3.78 -10.39
C TRP D 215 -14.81 3.09 -10.60
N GLY D 216 -14.80 1.76 -10.47
CA GLY D 216 -13.61 0.96 -10.76
C GLY D 216 -12.53 1.07 -9.70
N ASN D 217 -12.94 1.45 -8.49
CA ASN D 217 -11.99 1.68 -7.40
C ASN D 217 -11.70 0.42 -6.57
N LYS D 218 -12.42 -0.67 -6.83
CA LYS D 218 -12.12 -1.95 -6.18
C LYS D 218 -12.01 -3.10 -7.17
C GSO E . 6.59 -8.44 27.50
OT1 GSO E . 6.12 -8.73 26.39
OT2 GSO E . 6.95 -7.27 27.80
N GSO E . 5.82 -10.60 28.36
CA GSO E . 6.77 -9.50 28.56
CB GSO E . 8.19 -10.05 28.56
CB2 GSO E . 13.50 -8.44 28.67
SG2 GSO E . 12.89 -8.98 27.09
CG GSO E . 9.12 -9.07 29.25
CD GSO E . 10.52 -9.63 29.43
OE GSO E . 10.78 -10.92 29.29
N2 GSO E . 11.41 -8.78 29.70
CA2 GSO E . 12.81 -9.12 29.87
C2 GSO E . 13.36 -8.48 31.10
O2 GSO E . 14.67 -8.32 31.21
N3 GSO E . 12.59 -8.09 32.03
CA3 GSO E . 13.00 -7.41 33.26
C3 GSO E . 12.76 -8.20 34.51
O31 GSO E . 13.07 -7.66 35.60
O32 GSO E . 12.26 -9.35 34.44
OF2 GSO E . 14.59 -9.98 25.04
CD2 GSO E . 13.20 -10.70 26.90
CG2 GSO E . 17.43 -9.36 28.01
CL1 GSO E . 16.39 -9.52 27.11
CL2 GSO E . 17.74 -10.40 28.90
CM1 GSO E . 15.65 -10.70 27.09
CM2 GSO E . 17.00 -11.58 28.89
CZ GSO E . 15.96 -11.74 27.97
C22 GSO E . 14.52 -10.90 26.14
C GSO F . -2.35 -19.98 22.98
OT1 GSO F . -2.40 -19.17 23.94
OT2 GSO F . -3.38 -20.56 22.51
N GSO F . -0.08 -19.16 22.58
CA GSO F . -1.00 -20.26 22.35
CB GSO F . -0.34 -21.52 22.90
CB2 GSO F . -1.58 -26.88 23.87
SG2 GSO F . -1.64 -25.79 25.28
CG GSO F . -1.01 -22.73 22.28
CD GSO F . -0.34 -24.04 22.66
OE GSO F . 0.86 -24.09 23.20
N2 GSO F . -1.03 -25.06 22.41
CA2 GSO F . -0.63 -26.44 22.73
C2 GSO F . -0.86 -27.37 21.59
O2 GSO F . -0.98 -28.68 21.85
N3 GSO F . -0.94 -26.94 20.39
CA3 GSO F . -1.21 -27.77 19.23
C3 GSO F . 0.00 -28.14 18.40
O31 GSO F . -0.19 -28.91 17.45
O32 GSO F . 1.12 -27.68 18.70
OF2 GSO F . -1.00 -26.57 27.92
CD2 GSO F . -0.02 -25.71 25.94
CG2 GSO F . -0.91 -30.27 25.96
CL1 GSO F . -0.94 -29.02 26.58
CL2 GSO F . 0.16 -30.62 25.14
CM1 GSO F . 0.11 -28.12 26.39
CM2 GSO F . 1.21 -29.72 24.93
CZ GSO F . 1.18 -28.47 25.56
C22 GSO F . 0.11 -26.77 27.02
C GSO G . -5.32 17.71 -30.12
OT1 GSO G . -4.28 17.92 -29.46
OT2 GSO G . -5.48 18.05 -31.31
N GSO G . -5.90 16.20 -28.33
CA GSO G . -6.45 16.97 -29.42
CB GSO G . -7.52 17.91 -28.89
CB2 GSO G . -10.48 22.38 -30.19
SG2 GSO G . -9.02 22.72 -29.25
CG GSO G . -8.44 18.42 -30.01
CD GSO G . -9.53 19.33 -29.49
OE GSO G . -9.87 19.37 -28.19
N2 GSO G . -10.09 20.04 -30.35
CA2 GSO G . -11.13 21.00 -30.04
C2 GSO G . -12.23 20.96 -31.05
O2 GSO G . -13.01 22.01 -31.18
N3 GSO G . -12.41 19.92 -31.78
CA3 GSO G . -13.42 19.77 -32.83
C3 GSO G . -14.59 18.87 -32.48
O31 GSO G . -15.53 18.77 -33.31
O32 GSO G . -14.59 18.25 -31.40
OF2 GSO G . -9.08 25.21 -27.50
CD2 GSO G . -9.30 22.76 -27.52
CG2 GSO G . -12.99 25.07 -28.93
CL1 GSO G . -11.66 25.02 -28.54
CL2 GSO G . -13.96 24.33 -28.26
CM1 GSO G . -11.29 24.20 -27.47
CM2 GSO G . -13.59 23.51 -27.20
CZ GSO G . -12.25 23.44 -26.81
C22 GSO G . -9.87 24.10 -27.04
C GSO H . 1.24 9.77 -18.19
OT1 GSO H . 0.68 9.47 -19.26
OT2 GSO H . 2.07 9.02 -17.63
N GSO H . 0.40 12.01 -18.65
CA GSO H . 0.93 11.14 -17.62
CB GSO H . -0.09 11.05 -16.50
CB2 GSO H . -1.21 8.30 -11.82
SG2 GSO H . -2.28 7.86 -13.17
CG GSO H . 0.59 10.59 -15.21
CD GSO H . -0.34 10.61 -14.01
OE GSO H . -1.46 11.33 -13.97
N2 GSO H . 0.01 9.91 -13.02
CA2 GSO H . -0.76 9.77 -11.80
C2 GSO H . 0.08 9.92 -10.56
O2 GSO H . -0.36 9.40 -9.42
N3 GSO H . 1.20 10.50 -10.59
CA3 GSO H . 2.14 10.66 -9.48
C3 GSO H . 2.30 12.04 -8.92
O31 GSO H . 2.98 12.15 -7.88
O32 GSO H . 1.76 13.03 -9.49
OF2 GSO H . -5.14 6.85 -12.65
CD2 GSO H . -3.75 8.82 -13.17
CG2 GSO H . -3.71 7.48 -8.80
CL1 GSO H . -4.02 7.31 -10.14
CL2 GSO H . -3.95 8.70 -8.18
CM1 GSO H . -4.56 8.37 -10.87
CM2 GSO H . -4.49 9.77 -8.90
CZ GSO H . -4.79 9.59 -10.26
C22 GSO H . -4.87 8.22 -12.32
#